data_1CCV
#
_entry.id   1CCV
#
_cell.length_a   1.000
_cell.length_b   1.000
_cell.length_c   1.000
_cell.angle_alpha   90.00
_cell.angle_beta   90.00
_cell.angle_gamma   90.00
#
_symmetry.space_group_name_H-M   'P 1'
#
_entity_poly.entity_id   1
_entity_poly.type   'polypeptide(L)'
_entity_poly.pdbx_seq_one_letter_code
;EECGPNEVFNTCGSACAPTCAQPKTRICTMQCRIGCQCQEGFLRNGEGACVLPENC
;
_entity_poly.pdbx_strand_id   A
#
# COMPACT_ATOMS: atom_id res chain seq x y z
N GLU A 1 14.09 3.60 5.99
CA GLU A 1 12.66 3.66 5.77
C GLU A 1 12.13 5.02 6.21
N GLU A 2 11.96 5.90 5.24
CA GLU A 2 11.46 7.23 5.52
C GLU A 2 10.05 7.40 4.94
N CYS A 3 9.25 6.35 5.11
CA CYS A 3 7.88 6.38 4.62
C CYS A 3 7.13 7.49 5.34
N GLY A 4 5.80 7.42 5.25
CA GLY A 4 4.95 8.41 5.89
C GLY A 4 4.25 7.82 7.11
N PRO A 5 3.27 8.61 7.65
CA PRO A 5 2.51 8.17 8.80
C PRO A 5 1.49 7.09 8.42
N ASN A 6 1.54 5.99 9.15
CA ASN A 6 0.63 4.89 8.89
C ASN A 6 1.18 4.02 7.77
N GLU A 7 2.35 4.41 7.28
CA GLU A 7 3.00 3.68 6.21
C GLU A 7 4.13 2.82 6.75
N VAL A 8 4.47 1.78 6.00
CA VAL A 8 5.53 0.87 6.39
C VAL A 8 6.31 0.43 5.15
N PHE A 9 7.58 0.14 5.35
CA PHE A 9 8.44 -0.29 4.27
C PHE A 9 8.65 -1.81 4.31
N ASN A 10 8.40 -2.44 3.17
CA ASN A 10 8.55 -3.88 3.07
C ASN A 10 9.42 -4.21 1.86
N THR A 11 10.38 -5.09 2.07
CA THR A 11 11.27 -5.49 0.99
C THR A 11 10.64 -6.61 0.15
N CYS A 12 9.40 -6.92 0.50
CA CYS A 12 8.67 -7.97 -0.20
C CYS A 12 7.19 -7.86 0.18
N GLY A 13 6.50 -6.92 -0.46
CA GLY A 13 5.10 -6.71 -0.19
C GLY A 13 4.27 -6.80 -1.48
N SER A 14 2.97 -6.98 -1.30
CA SER A 14 2.07 -7.09 -2.44
C SER A 14 2.37 -5.98 -3.45
N ALA A 15 2.97 -6.38 -4.56
CA ALA A 15 3.32 -5.45 -5.61
C ALA A 15 2.05 -4.75 -6.11
N CYS A 16 0.96 -5.51 -6.12
CA CYS A 16 -0.31 -4.99 -6.58
C CYS A 16 -1.20 -4.76 -5.35
N ALA A 17 -0.55 -4.41 -4.25
CA ALA A 17 -1.27 -4.16 -3.01
C ALA A 17 -2.54 -3.37 -3.30
N PRO A 18 -3.49 -3.41 -2.33
CA PRO A 18 -4.75 -2.70 -2.47
C PRO A 18 -4.56 -1.19 -2.28
N THR A 19 -5.55 -0.43 -2.73
CA THR A 19 -5.50 1.01 -2.61
C THR A 19 -6.91 1.58 -2.50
N CYS A 20 -6.99 2.90 -2.60
CA CYS A 20 -8.28 3.58 -2.51
C CYS A 20 -9.10 3.21 -3.74
N ALA A 21 -8.39 2.79 -4.78
CA ALA A 21 -9.05 2.39 -6.02
C ALA A 21 -9.44 0.92 -5.95
N GLN A 22 -8.45 0.09 -5.62
CA GLN A 22 -8.68 -1.33 -5.51
C GLN A 22 -8.51 -1.79 -4.06
N PRO A 23 -9.66 -1.87 -3.35
CA PRO A 23 -9.65 -2.29 -1.95
C PRO A 23 -9.43 -3.81 -1.84
N LYS A 24 -9.27 -4.44 -3.00
CA LYS A 24 -9.05 -5.87 -3.04
C LYS A 24 -7.80 -6.16 -3.87
N THR A 25 -6.79 -6.68 -3.19
CA THR A 25 -5.54 -7.02 -3.84
C THR A 25 -5.49 -8.51 -4.18
N ARG A 26 -4.44 -8.89 -4.89
CA ARG A 26 -4.26 -10.28 -5.28
C ARG A 26 -2.92 -10.46 -5.99
N ILE A 27 -1.88 -9.89 -5.39
CA ILE A 27 -0.55 -9.98 -5.95
C ILE A 27 -0.55 -9.41 -7.37
N CYS A 28 0.63 -9.06 -7.83
CA CYS A 28 0.79 -8.50 -9.16
C CYS A 28 1.50 -9.53 -10.05
N THR A 29 2.38 -10.29 -9.42
CA THR A 29 3.14 -11.31 -10.12
C THR A 29 4.08 -12.03 -9.17
N MET A 30 4.73 -13.06 -9.69
CA MET A 30 5.66 -13.85 -8.90
C MET A 30 6.90 -13.04 -8.54
N GLN A 31 6.71 -12.07 -7.66
CA GLN A 31 7.81 -11.22 -7.24
C GLN A 31 7.29 -10.11 -6.32
N CYS A 32 7.68 -10.19 -5.06
CA CYS A 32 7.27 -9.20 -4.08
C CYS A 32 7.64 -7.81 -4.60
N ARG A 33 7.30 -6.80 -3.81
CA ARG A 33 7.59 -5.43 -4.18
C ARG A 33 8.31 -4.71 -3.04
N ILE A 34 9.44 -4.12 -3.38
CA ILE A 34 10.23 -3.40 -2.40
C ILE A 34 9.84 -1.92 -2.42
N GLY A 35 9.33 -1.45 -1.28
CA GLY A 35 8.91 -0.07 -1.17
C GLY A 35 7.97 0.12 0.03
N CYS A 36 7.54 1.36 0.21
CA CYS A 36 6.64 1.68 1.30
C CYS A 36 5.21 1.34 0.87
N GLN A 37 4.40 0.98 1.85
CA GLN A 37 3.02 0.63 1.59
C GLN A 37 2.11 1.17 2.69
N CYS A 38 0.82 0.94 2.52
CA CYS A 38 -0.16 1.40 3.49
C CYS A 38 -0.37 0.29 4.52
N GLN A 39 -0.29 0.68 5.79
CA GLN A 39 -0.48 -0.27 6.87
C GLN A 39 -1.92 -0.77 6.91
N GLU A 40 -2.13 -1.80 7.71
CA GLU A 40 -3.46 -2.39 7.85
C GLU A 40 -4.43 -1.36 8.44
N GLY A 41 -5.27 -0.82 7.57
CA GLY A 41 -6.25 0.18 7.99
C GLY A 41 -6.11 1.46 7.17
N PHE A 42 -5.19 1.43 6.22
CA PHE A 42 -4.95 2.57 5.37
C PHE A 42 -4.89 2.17 3.89
N LEU A 43 -5.27 3.12 3.04
CA LEU A 43 -5.27 2.87 1.61
C LEU A 43 -4.49 3.98 0.90
N ARG A 44 -3.72 3.58 -0.09
CA ARG A 44 -2.92 4.53 -0.85
C ARG A 44 -3.79 5.23 -1.90
N ASN A 45 -3.69 6.55 -1.92
CA ASN A 45 -4.45 7.36 -2.85
C ASN A 45 -3.56 7.75 -4.03
N GLY A 46 -4.19 7.91 -5.19
CA GLY A 46 -3.46 8.28 -6.39
C GLY A 46 -2.30 9.21 -6.06
N GLU A 47 -2.50 10.01 -5.02
CA GLU A 47 -1.47 10.96 -4.60
C GLU A 47 -0.46 10.25 -3.69
N GLY A 48 -0.19 8.99 -4.01
CA GLY A 48 0.75 8.21 -3.25
C GLY A 48 0.66 8.54 -1.75
N ALA A 49 -0.57 8.78 -1.31
CA ALA A 49 -0.81 9.12 0.08
C ALA A 49 -1.63 8.00 0.73
N CYS A 50 -1.08 7.45 1.80
CA CYS A 50 -1.74 6.37 2.52
C CYS A 50 -2.80 6.99 3.44
N VAL A 51 -4.03 7.04 2.94
CA VAL A 51 -5.13 7.60 3.70
C VAL A 51 -6.13 6.49 4.04
N LEU A 52 -6.71 6.60 5.23
CA LEU A 52 -7.68 5.61 5.68
C LEU A 52 -8.72 5.39 4.58
N PRO A 53 -9.37 4.20 4.64
CA PRO A 53 -10.38 3.85 3.66
C PRO A 53 -11.68 4.60 3.92
N GLU A 54 -11.91 4.89 5.19
CA GLU A 54 -13.11 5.61 5.60
C GLU A 54 -12.98 7.09 5.24
N ASN A 55 -11.80 7.45 4.78
CA ASN A 55 -11.54 8.84 4.40
C ASN A 55 -11.37 8.92 2.89
N CYS A 56 -11.50 7.78 2.21
CA CYS A 56 -11.37 7.73 0.76
C CYS A 56 -12.31 8.73 0.13
N GLU A 1 12.12 2.62 9.57
CA GLU A 1 11.24 2.92 8.45
C GLU A 1 11.34 4.39 8.08
N GLU A 2 11.47 4.64 6.78
CA GLU A 2 11.58 6.00 6.29
C GLU A 2 10.38 6.33 5.40
N CYS A 3 9.21 5.91 5.86
CA CYS A 3 7.98 6.16 5.13
C CYS A 3 7.24 7.31 5.82
N GLY A 4 5.98 7.47 5.43
CA GLY A 4 5.15 8.51 6.00
C GLY A 4 4.36 8.00 7.20
N PRO A 5 3.45 8.88 7.71
CA PRO A 5 2.63 8.53 8.86
C PRO A 5 1.52 7.55 8.46
N ASN A 6 1.46 6.45 9.19
CA ASN A 6 0.45 5.43 8.93
C ASN A 6 0.95 4.52 7.80
N GLU A 7 2.17 4.80 7.35
CA GLU A 7 2.75 4.00 6.29
C GLU A 7 3.85 3.09 6.84
N VAL A 8 4.22 2.11 6.04
CA VAL A 8 5.26 1.17 6.44
C VAL A 8 6.12 0.82 5.23
N PHE A 9 7.11 -0.03 5.47
CA PHE A 9 8.02 -0.45 4.42
C PHE A 9 8.16 -1.97 4.40
N ASN A 10 8.09 -2.53 3.19
CA ASN A 10 8.21 -3.96 3.02
C ASN A 10 9.21 -4.26 1.91
N THR A 11 10.16 -5.13 2.23
CA THR A 11 11.19 -5.51 1.27
C THR A 11 10.66 -6.58 0.32
N CYS A 12 9.50 -7.10 0.66
CA CYS A 12 8.87 -8.15 -0.15
C CYS A 12 7.36 -8.01 -0.01
N GLY A 13 6.81 -6.99 -0.65
CA GLY A 13 5.38 -6.75 -0.60
C GLY A 13 4.72 -7.11 -1.93
N SER A 14 3.50 -6.62 -2.09
CA SER A 14 2.75 -6.88 -3.31
C SER A 14 2.93 -5.72 -4.30
N ALA A 15 3.44 -6.05 -5.47
CA ALA A 15 3.67 -5.05 -6.50
C ALA A 15 2.33 -4.41 -6.88
N CYS A 16 1.26 -5.14 -6.59
CA CYS A 16 -0.08 -4.66 -6.91
C CYS A 16 -0.85 -4.54 -5.60
N ALA A 17 -0.16 -4.11 -4.56
CA ALA A 17 -0.77 -3.96 -3.25
C ALA A 17 -2.14 -3.28 -3.41
N PRO A 18 -2.96 -3.38 -2.34
CA PRO A 18 -4.28 -2.78 -2.34
C PRO A 18 -4.19 -1.26 -2.18
N THR A 19 -5.18 -0.58 -2.75
CA THR A 19 -5.23 0.87 -2.68
C THR A 19 -6.66 1.34 -2.39
N CYS A 20 -6.86 2.64 -2.57
CA CYS A 20 -8.17 3.23 -2.35
C CYS A 20 -9.18 2.55 -3.27
N ALA A 21 -8.66 2.09 -4.40
CA ALA A 21 -9.50 1.41 -5.39
C ALA A 21 -9.74 -0.03 -4.94
N GLN A 22 -8.65 -0.79 -4.93
CA GLN A 22 -8.73 -2.19 -4.53
C GLN A 22 -8.04 -2.39 -3.17
N PRO A 23 -8.88 -2.43 -2.10
CA PRO A 23 -8.37 -2.61 -0.75
C PRO A 23 -7.95 -4.07 -0.53
N LYS A 24 -8.08 -4.86 -1.58
CA LYS A 24 -7.72 -6.27 -1.50
C LYS A 24 -6.75 -6.60 -2.64
N THR A 25 -5.54 -6.98 -2.25
CA THR A 25 -4.51 -7.32 -3.21
C THR A 25 -5.11 -8.14 -4.35
N ARG A 26 -4.39 -8.19 -5.45
CA ARG A 26 -4.83 -8.93 -6.62
C ARG A 26 -3.63 -9.39 -7.44
N ILE A 27 -2.59 -9.81 -6.74
CA ILE A 27 -1.38 -10.28 -7.39
C ILE A 27 -0.87 -9.21 -8.36
N CYS A 28 0.35 -9.40 -8.82
CA CYS A 28 0.96 -8.46 -9.75
C CYS A 28 1.87 -9.24 -10.70
N THR A 29 2.70 -10.08 -10.10
CA THR A 29 3.63 -10.90 -10.87
C THR A 29 4.36 -11.88 -9.96
N MET A 30 5.35 -12.55 -10.54
CA MET A 30 6.13 -13.53 -9.79
C MET A 30 7.31 -12.85 -9.10
N GLN A 31 7.01 -12.21 -7.97
CA GLN A 31 8.04 -11.53 -7.21
C GLN A 31 7.41 -10.56 -6.20
N CYS A 32 8.20 -10.18 -5.22
CA CYS A 32 7.72 -9.27 -4.19
C CYS A 32 7.95 -7.84 -4.69
N ARG A 33 7.58 -6.89 -3.83
CA ARG A 33 7.74 -5.48 -4.17
C ARG A 33 8.36 -4.72 -3.00
N ILE A 34 9.51 -4.12 -3.26
CA ILE A 34 10.23 -3.36 -2.25
C ILE A 34 9.79 -1.91 -2.31
N GLY A 35 9.19 -1.45 -1.22
CA GLY A 35 8.72 -0.08 -1.14
C GLY A 35 7.80 0.12 0.06
N CYS A 36 7.39 1.37 0.25
CA CYS A 36 6.51 1.70 1.36
C CYS A 36 5.07 1.42 0.94
N GLN A 37 4.26 1.04 1.92
CA GLN A 37 2.86 0.74 1.66
C GLN A 37 1.98 1.38 2.73
N CYS A 38 0.68 1.10 2.62
CA CYS A 38 -0.27 1.65 3.57
C CYS A 38 -0.49 0.61 4.68
N GLN A 39 -0.40 1.09 5.91
CA GLN A 39 -0.58 0.23 7.07
C GLN A 39 -2.02 -0.29 7.13
N GLU A 40 -2.23 -1.26 7.99
CA GLU A 40 -3.56 -1.85 8.15
C GLU A 40 -4.55 -0.79 8.65
N GLY A 41 -5.37 -0.31 7.74
CA GLY A 41 -6.36 0.69 8.07
C GLY A 41 -6.21 1.92 7.18
N PHE A 42 -5.29 1.83 6.24
CA PHE A 42 -5.03 2.93 5.32
C PHE A 42 -4.94 2.42 3.88
N LEU A 43 -5.24 3.30 2.95
CA LEU A 43 -5.20 2.96 1.54
C LEU A 43 -4.37 4.01 0.79
N ARG A 44 -3.74 3.56 -0.29
CA ARG A 44 -2.92 4.45 -1.10
C ARG A 44 -3.79 5.19 -2.12
N ASN A 45 -3.55 6.49 -2.21
CA ASN A 45 -4.30 7.31 -3.14
C ASN A 45 -3.39 7.73 -4.29
N GLY A 46 -3.99 7.85 -5.48
CA GLY A 46 -3.24 8.24 -6.66
C GLY A 46 -2.16 9.27 -6.31
N GLU A 47 -2.44 10.04 -5.26
CA GLU A 47 -1.50 11.06 -4.81
C GLU A 47 -0.37 10.42 -4.00
N GLY A 48 -0.04 9.19 -4.37
CA GLY A 48 1.01 8.47 -3.68
C GLY A 48 0.96 8.73 -2.17
N ALA A 49 -0.25 8.89 -1.67
CA ALA A 49 -0.45 9.15 -0.25
C ALA A 49 -1.22 7.98 0.36
N CYS A 50 -1.17 7.91 1.69
CA CYS A 50 -1.85 6.86 2.41
C CYS A 50 -3.01 7.49 3.19
N VAL A 51 -4.20 7.34 2.64
CA VAL A 51 -5.39 7.88 3.27
C VAL A 51 -6.32 6.73 3.67
N LEU A 52 -6.95 6.89 4.82
CA LEU A 52 -7.87 5.88 5.32
C LEU A 52 -8.88 5.53 4.23
N PRO A 53 -9.46 4.31 4.35
CA PRO A 53 -10.44 3.84 3.39
C PRO A 53 -11.79 4.55 3.60
N GLU A 54 -12.05 4.91 4.84
CA GLU A 54 -13.29 5.58 5.19
C GLU A 54 -13.24 7.04 4.73
N ASN A 55 -12.07 7.44 4.25
CA ASN A 55 -11.88 8.80 3.78
C ASN A 55 -11.71 8.79 2.27
N CYS A 56 -11.76 7.61 1.67
CA CYS A 56 -11.62 7.46 0.23
C CYS A 56 -12.58 8.39 -0.48
N GLU A 1 12.24 2.47 6.76
CA GLU A 1 12.68 3.29 7.87
C GLU A 1 12.65 4.75 7.46
N GLU A 2 11.67 5.09 6.65
CA GLU A 2 11.53 6.46 6.18
C GLU A 2 10.28 6.60 5.30
N CYS A 3 9.14 6.30 5.89
CA CYS A 3 7.87 6.38 5.18
C CYS A 3 7.01 7.45 5.85
N GLY A 4 5.73 7.41 5.52
CA GLY A 4 4.79 8.38 6.08
C GLY A 4 3.99 7.76 7.24
N PRO A 5 2.98 8.53 7.71
CA PRO A 5 2.14 8.07 8.81
C PRO A 5 1.16 7.00 8.33
N ASN A 6 1.18 5.88 9.03
CA ASN A 6 0.30 4.77 8.69
C ASN A 6 0.93 3.95 7.57
N GLU A 7 2.11 4.37 7.16
CA GLU A 7 2.83 3.68 6.10
C GLU A 7 3.92 2.77 6.70
N VAL A 8 4.32 1.79 5.90
CA VAL A 8 5.35 0.85 6.33
C VAL A 8 6.19 0.44 5.12
N PHE A 9 7.44 0.09 5.40
CA PHE A 9 8.36 -0.32 4.36
C PHE A 9 8.59 -1.83 4.39
N ASN A 10 8.43 -2.46 3.23
CA ASN A 10 8.61 -3.89 3.12
C ASN A 10 9.50 -4.19 1.92
N THR A 11 10.50 -5.03 2.15
CA THR A 11 11.42 -5.41 1.08
C THR A 11 10.78 -6.45 0.17
N CYS A 12 9.59 -6.88 0.56
CA CYS A 12 8.86 -7.88 -0.22
C CYS A 12 7.37 -7.69 0.04
N GLY A 13 6.81 -6.67 -0.59
CA GLY A 13 5.40 -6.37 -0.44
C GLY A 13 4.62 -6.76 -1.70
N SER A 14 3.30 -6.59 -1.61
CA SER A 14 2.44 -6.92 -2.73
C SER A 14 2.60 -5.88 -3.85
N ALA A 15 3.24 -6.31 -4.92
CA ALA A 15 3.45 -5.43 -6.05
C ALA A 15 2.11 -4.88 -6.54
N CYS A 16 1.08 -5.68 -6.34
CA CYS A 16 -0.26 -5.28 -6.76
C CYS A 16 -1.09 -5.04 -5.49
N ALA A 17 -0.43 -4.51 -4.48
CA ALA A 17 -1.09 -4.23 -3.22
C ALA A 17 -2.38 -3.45 -3.49
N PRO A 18 -3.26 -3.40 -2.45
CA PRO A 18 -4.52 -2.69 -2.56
C PRO A 18 -4.31 -1.18 -2.50
N THR A 19 -5.33 -0.46 -2.94
CA THR A 19 -5.28 1.00 -2.95
C THR A 19 -6.68 1.58 -2.81
N CYS A 20 -6.72 2.90 -2.73
CA CYS A 20 -7.99 3.60 -2.60
C CYS A 20 -8.89 3.17 -3.76
N ALA A 21 -8.26 2.67 -4.81
CA ALA A 21 -9.00 2.22 -5.97
C ALA A 21 -9.39 0.75 -5.79
N GLN A 22 -8.38 -0.07 -5.51
CA GLN A 22 -8.59 -1.48 -5.31
C GLN A 22 -8.30 -1.88 -3.86
N PRO A 23 -9.40 -1.93 -3.05
CA PRO A 23 -9.27 -2.28 -1.64
C PRO A 23 -9.02 -3.78 -1.48
N LYS A 24 -8.96 -4.47 -2.61
CA LYS A 24 -8.73 -5.91 -2.60
C LYS A 24 -7.53 -6.23 -3.50
N THR A 25 -6.49 -6.75 -2.87
CA THR A 25 -5.28 -7.11 -3.61
C THR A 25 -5.25 -8.61 -3.89
N ARG A 26 -4.25 -9.02 -4.65
CA ARG A 26 -4.10 -10.43 -4.99
C ARG A 26 -2.80 -10.65 -5.76
N ILE A 27 -1.72 -10.09 -5.23
CA ILE A 27 -0.42 -10.22 -5.85
C ILE A 27 -0.48 -9.66 -7.27
N CYS A 28 0.69 -9.36 -7.81
CA CYS A 28 0.78 -8.83 -9.16
C CYS A 28 1.41 -9.89 -10.06
N THR A 29 2.35 -10.63 -9.47
CA THR A 29 3.04 -11.68 -10.21
C THR A 29 3.97 -12.47 -9.27
N MET A 30 4.89 -13.19 -9.89
CA MET A 30 5.84 -13.99 -9.12
C MET A 30 7.01 -13.13 -8.65
N GLN A 31 6.76 -12.35 -7.61
CA GLN A 31 7.78 -11.48 -7.06
C GLN A 31 7.17 -10.51 -6.06
N CYS A 32 8.02 -9.96 -5.20
CA CYS A 32 7.57 -9.01 -4.19
C CYS A 32 7.86 -7.60 -4.70
N ARG A 33 7.56 -6.62 -3.86
CA ARG A 33 7.78 -5.24 -4.20
C ARG A 33 8.45 -4.50 -3.04
N ILE A 34 9.65 -4.00 -3.31
CA ILE A 34 10.40 -3.27 -2.30
C ILE A 34 9.97 -1.80 -2.31
N GLY A 35 9.44 -1.37 -1.19
CA GLY A 35 8.98 0.01 -1.06
C GLY A 35 8.02 0.16 0.12
N CYS A 36 7.57 1.39 0.33
CA CYS A 36 6.65 1.69 1.41
C CYS A 36 5.22 1.47 0.90
N GLN A 37 4.40 0.86 1.76
CA GLN A 37 3.03 0.60 1.40
C GLN A 37 2.08 1.15 2.48
N CYS A 38 0.80 0.90 2.28
CA CYS A 38 -0.20 1.37 3.22
C CYS A 38 -0.48 0.25 4.24
N GLN A 39 -0.24 0.58 5.49
CA GLN A 39 -0.46 -0.38 6.56
C GLN A 39 -1.88 -0.95 6.49
N GLU A 40 -2.10 -2.00 7.28
CA GLU A 40 -3.40 -2.64 7.31
C GLU A 40 -4.45 -1.69 7.88
N GLY A 41 -5.26 -1.15 6.97
CA GLY A 41 -6.31 -0.22 7.38
C GLY A 41 -6.18 1.09 6.61
N PHE A 42 -5.21 1.13 5.71
CA PHE A 42 -4.99 2.33 4.90
C PHE A 42 -4.81 1.97 3.43
N LEU A 43 -5.18 2.91 2.57
CA LEU A 43 -5.07 2.69 1.14
C LEU A 43 -4.35 3.89 0.51
N ARG A 44 -3.52 3.59 -0.49
CA ARG A 44 -2.77 4.61 -1.17
C ARG A 44 -3.65 5.31 -2.22
N ASN A 45 -3.63 6.63 -2.17
CA ASN A 45 -4.42 7.43 -3.10
C ASN A 45 -3.54 7.86 -4.27
N GLY A 46 -4.18 8.05 -5.41
CA GLY A 46 -3.46 8.46 -6.61
C GLY A 46 -2.29 9.38 -6.26
N GLU A 47 -2.48 10.16 -5.21
CA GLU A 47 -1.46 11.08 -4.76
C GLU A 47 -0.46 10.37 -3.85
N GLY A 48 -0.19 9.11 -4.18
CA GLY A 48 0.73 8.31 -3.42
C GLY A 48 0.61 8.62 -1.92
N ALA A 49 -0.61 8.84 -1.49
CA ALA A 49 -0.88 9.14 -0.10
C ALA A 49 -1.67 7.99 0.54
N CYS A 50 -1.09 7.43 1.58
CA CYS A 50 -1.73 6.33 2.28
C CYS A 50 -2.81 6.90 3.20
N VAL A 51 -4.03 6.90 2.69
CA VAL A 51 -5.16 7.42 3.45
C VAL A 51 -6.14 6.28 3.72
N LEU A 52 -6.77 6.36 4.89
CA LEU A 52 -7.74 5.35 5.27
C LEU A 52 -8.80 5.21 4.19
N PRO A 53 -9.45 4.01 4.17
CA PRO A 53 -10.49 3.73 3.18
C PRO A 53 -11.78 4.47 3.52
N GLU A 54 -11.98 4.70 4.82
CA GLU A 54 -13.17 5.39 5.29
C GLU A 54 -13.04 6.89 5.01
N ASN A 55 -11.87 7.28 4.54
CA ASN A 55 -11.61 8.68 4.24
C ASN A 55 -11.45 8.84 2.72
N CYS A 56 -11.58 7.74 1.99
CA CYS A 56 -11.45 7.76 0.54
C CYS A 56 -12.58 8.59 -0.05
N GLU A 1 13.87 7.22 2.66
CA GLU A 1 14.01 6.01 3.44
C GLU A 1 13.34 6.17 4.79
N GLU A 2 12.03 6.26 4.76
CA GLU A 2 11.25 6.43 5.98
C GLU A 2 9.78 6.70 5.65
N CYS A 3 9.05 5.62 5.42
CA CYS A 3 7.63 5.74 5.09
C CYS A 3 7.03 6.84 5.96
N GLY A 4 5.92 7.39 5.48
CA GLY A 4 5.23 8.44 6.20
C GLY A 4 4.48 7.89 7.42
N PRO A 5 3.62 8.75 8.01
CA PRO A 5 2.83 8.35 9.17
C PRO A 5 1.69 7.43 8.77
N ASN A 6 1.59 6.31 9.48
CA ASN A 6 0.55 5.34 9.22
C ASN A 6 1.00 4.41 8.08
N GLU A 7 2.20 4.67 7.60
CA GLU A 7 2.76 3.87 6.52
C GLU A 7 3.84 2.92 7.06
N VAL A 8 4.19 1.96 6.24
CA VAL A 8 5.20 0.98 6.61
C VAL A 8 6.07 0.64 5.39
N PHE A 9 7.09 -0.16 5.63
CA PHE A 9 7.99 -0.57 4.56
C PHE A 9 8.04 -2.09 4.44
N ASN A 10 7.90 -2.56 3.20
CA ASN A 10 7.94 -3.99 2.94
C ASN A 10 8.97 -4.27 1.85
N THR A 11 9.90 -5.15 2.18
CA THR A 11 10.95 -5.51 1.24
C THR A 11 10.43 -6.54 0.24
N CYS A 12 9.34 -7.19 0.62
CA CYS A 12 8.73 -8.20 -0.24
C CYS A 12 7.21 -8.12 -0.06
N GLY A 13 6.62 -7.15 -0.73
CA GLY A 13 5.17 -6.96 -0.65
C GLY A 13 4.49 -7.40 -1.94
N SER A 14 3.17 -7.34 -1.93
CA SER A 14 2.39 -7.72 -3.09
C SER A 14 2.72 -6.81 -4.28
N ALA A 15 3.14 -7.44 -5.37
CA ALA A 15 3.49 -6.69 -6.56
C ALA A 15 2.38 -5.69 -6.88
N CYS A 16 1.19 -6.00 -6.39
CA CYS A 16 0.04 -5.14 -6.62
C CYS A 16 -0.74 -5.02 -5.30
N ALA A 17 -0.02 -4.64 -4.26
CA ALA A 17 -0.63 -4.50 -2.95
C ALA A 17 -1.97 -3.76 -3.10
N PRO A 18 -2.75 -3.79 -1.99
CA PRO A 18 -4.05 -3.14 -1.98
C PRO A 18 -3.91 -1.62 -1.88
N THR A 19 -4.94 -0.92 -2.34
CA THR A 19 -4.94 0.53 -2.31
C THR A 19 -6.36 1.06 -2.35
N CYS A 20 -6.46 2.37 -2.50
CA CYS A 20 -7.77 3.03 -2.55
C CYS A 20 -8.52 2.49 -3.78
N ALA A 21 -7.75 2.10 -4.79
CA ALA A 21 -8.33 1.58 -6.01
C ALA A 21 -8.65 0.10 -5.82
N GLN A 22 -7.74 -0.60 -5.15
CA GLN A 22 -7.92 -2.02 -4.90
C GLN A 22 -7.81 -2.31 -3.41
N PRO A 23 -8.98 -2.25 -2.72
CA PRO A 23 -9.03 -2.50 -1.29
C PRO A 23 -8.90 -3.99 -0.99
N LYS A 24 -8.74 -4.76 -2.05
CA LYS A 24 -8.60 -6.20 -1.92
C LYS A 24 -7.34 -6.66 -2.65
N THR A 25 -6.38 -7.13 -1.87
CA THR A 25 -5.11 -7.60 -2.43
C THR A 25 -5.37 -8.35 -3.74
N ARG A 26 -4.45 -8.14 -4.68
CA ARG A 26 -4.56 -8.79 -5.97
C ARG A 26 -3.17 -8.92 -6.63
N ILE A 27 -2.55 -10.07 -6.42
CA ILE A 27 -1.24 -10.33 -6.97
C ILE A 27 -1.20 -9.87 -8.43
N CYS A 28 0.01 -9.65 -8.92
CA CYS A 28 0.19 -9.21 -10.29
C CYS A 28 1.11 -10.21 -11.00
N THR A 29 2.17 -10.60 -10.30
CA THR A 29 3.12 -11.56 -10.84
C THR A 29 3.85 -12.28 -9.72
N MET A 30 4.73 -13.20 -10.11
CA MET A 30 5.49 -13.97 -9.16
C MET A 30 6.75 -13.20 -8.71
N GLN A 31 6.54 -12.28 -7.78
CA GLN A 31 7.63 -11.47 -7.26
C GLN A 31 7.10 -10.43 -6.28
N CYS A 32 7.95 -10.08 -5.32
CA CYS A 32 7.59 -9.11 -4.31
C CYS A 32 8.07 -7.73 -4.78
N ARG A 33 7.62 -6.71 -4.07
CA ARG A 33 8.00 -5.35 -4.40
C ARG A 33 8.46 -4.61 -3.14
N ILE A 34 9.64 -4.00 -3.25
CA ILE A 34 10.20 -3.26 -2.15
C ILE A 34 9.73 -1.80 -2.21
N GLY A 35 9.07 -1.38 -1.15
CA GLY A 35 8.56 -0.01 -1.07
C GLY A 35 7.64 0.16 0.13
N CYS A 36 7.35 1.42 0.43
CA CYS A 36 6.48 1.74 1.55
C CYS A 36 5.03 1.49 1.12
N GLN A 37 4.23 1.07 2.10
CA GLN A 37 2.83 0.79 1.84
C GLN A 37 1.95 1.40 2.94
N CYS A 38 0.66 1.14 2.84
CA CYS A 38 -0.29 1.66 3.81
C CYS A 38 -0.52 0.59 4.87
N GLN A 39 -0.36 1.01 6.13
CA GLN A 39 -0.55 0.10 7.24
C GLN A 39 -2.00 -0.39 7.30
N GLU A 40 -2.25 -1.31 8.22
CA GLU A 40 -3.58 -1.87 8.39
C GLU A 40 -4.54 -0.79 8.88
N GLY A 41 -5.36 -0.30 7.96
CA GLY A 41 -6.34 0.72 8.30
C GLY A 41 -6.18 1.95 7.38
N PHE A 42 -5.19 1.87 6.52
CA PHE A 42 -4.91 2.96 5.59
C PHE A 42 -4.78 2.43 4.16
N LEU A 43 -5.10 3.30 3.21
CA LEU A 43 -5.01 2.94 1.81
C LEU A 43 -4.24 4.02 1.05
N ARG A 44 -3.51 3.59 0.04
CA ARG A 44 -2.72 4.51 -0.77
C ARG A 44 -3.61 5.19 -1.82
N ASN A 45 -3.45 6.50 -1.92
CA ASN A 45 -4.22 7.28 -2.87
C ASN A 45 -3.30 7.76 -4.00
N GLY A 46 -3.88 7.84 -5.19
CA GLY A 46 -3.13 8.28 -6.36
C GLY A 46 -2.11 9.36 -5.98
N GLU A 47 -2.45 10.11 -4.94
CA GLU A 47 -1.59 11.17 -4.47
C GLU A 47 -0.45 10.60 -3.62
N GLY A 48 -0.04 9.39 -3.99
CA GLY A 48 1.03 8.72 -3.28
C GLY A 48 0.94 8.98 -1.77
N ALA A 49 -0.29 9.08 -1.30
CA ALA A 49 -0.53 9.32 0.11
C ALA A 49 -1.27 8.12 0.71
N CYS A 50 -1.18 8.03 2.03
CA CYS A 50 -1.83 6.94 2.74
C CYS A 50 -3.04 7.50 3.49
N VAL A 51 -4.20 7.34 2.89
CA VAL A 51 -5.44 7.83 3.49
C VAL A 51 -6.34 6.64 3.82
N LEU A 52 -7.03 6.76 4.94
CA LEU A 52 -7.94 5.71 5.39
C LEU A 52 -8.85 5.31 4.22
N PRO A 53 -9.38 4.06 4.31
CA PRO A 53 -10.26 3.54 3.29
C PRO A 53 -11.66 4.17 3.40
N GLU A 54 -12.01 4.52 4.62
CA GLU A 54 -13.31 5.12 4.89
C GLU A 54 -13.31 6.58 4.43
N ASN A 55 -12.13 7.04 4.04
CA ASN A 55 -11.99 8.42 3.58
C ASN A 55 -11.71 8.42 2.08
N CYS A 56 -11.64 7.24 1.49
CA CYS A 56 -11.37 7.10 0.06
C CYS A 56 -12.43 7.88 -0.73
N GLU A 1 12.22 2.79 5.47
CA GLU A 1 11.91 3.25 6.80
C GLU A 1 11.44 4.69 6.77
N GLU A 2 11.23 5.24 7.96
CA GLU A 2 10.77 6.61 8.07
C GLU A 2 9.80 6.95 6.94
N CYS A 3 8.94 5.98 6.63
CA CYS A 3 7.96 6.15 5.58
C CYS A 3 6.86 7.08 6.11
N GLY A 4 5.99 7.48 5.18
CA GLY A 4 4.89 8.36 5.53
C GLY A 4 4.16 7.86 6.78
N PRO A 5 3.16 8.67 7.23
CA PRO A 5 2.38 8.32 8.40
C PRO A 5 1.37 7.21 8.09
N ASN A 6 1.43 6.15 8.87
CA ASN A 6 0.54 5.03 8.69
C ASN A 6 1.10 4.12 7.59
N GLU A 7 2.28 4.48 7.11
CA GLU A 7 2.93 3.71 6.06
C GLU A 7 4.05 2.85 6.65
N VAL A 8 4.42 1.82 5.89
CA VAL A 8 5.47 0.92 6.32
C VAL A 8 6.27 0.46 5.11
N PHE A 9 7.55 0.17 5.36
CA PHE A 9 8.43 -0.27 4.30
C PHE A 9 8.60 -1.79 4.33
N ASN A 10 8.34 -2.41 3.18
CA ASN A 10 8.45 -3.85 3.05
C ASN A 10 9.39 -4.18 1.90
N THR A 11 10.33 -5.07 2.18
CA THR A 11 11.30 -5.50 1.19
C THR A 11 10.71 -6.59 0.29
N CYS A 12 9.43 -6.86 0.51
CA CYS A 12 8.74 -7.88 -0.27
C CYS A 12 7.25 -7.80 0.05
N GLY A 13 6.60 -6.81 -0.55
CA GLY A 13 5.18 -6.60 -0.35
C GLY A 13 4.40 -6.80 -1.65
N SER A 14 3.09 -6.71 -1.53
CA SER A 14 2.22 -6.88 -2.69
C SER A 14 2.47 -5.76 -3.70
N ALA A 15 3.11 -6.14 -4.81
CA ALA A 15 3.42 -5.18 -5.85
C ALA A 15 2.12 -4.46 -6.27
N CYS A 16 1.03 -5.20 -6.19
CA CYS A 16 -0.27 -4.65 -6.56
C CYS A 16 -1.14 -4.58 -5.31
N ALA A 17 -0.52 -4.16 -4.22
CA ALA A 17 -1.22 -4.04 -2.95
C ALA A 17 -2.55 -3.33 -3.17
N PRO A 18 -3.38 -3.30 -2.09
CA PRO A 18 -4.67 -2.65 -2.16
C PRO A 18 -4.53 -1.12 -2.13
N THR A 19 -5.46 -0.46 -2.79
CA THR A 19 -5.45 0.99 -2.85
C THR A 19 -6.87 1.54 -2.63
N CYS A 20 -6.93 2.86 -2.46
CA CYS A 20 -8.20 3.52 -2.24
C CYS A 20 -9.14 3.16 -3.39
N ALA A 21 -8.53 2.79 -4.51
CA ALA A 21 -9.29 2.42 -5.69
C ALA A 21 -9.58 0.91 -5.65
N GLN A 22 -8.56 0.16 -5.28
CA GLN A 22 -8.69 -1.29 -5.19
C GLN A 22 -8.42 -1.76 -3.75
N PRO A 23 -9.48 -1.62 -2.90
CA PRO A 23 -9.37 -2.03 -1.51
C PRO A 23 -9.42 -3.55 -1.39
N LYS A 24 -8.42 -4.20 -1.97
CA LYS A 24 -8.34 -5.65 -1.93
C LYS A 24 -7.05 -6.10 -2.60
N THR A 25 -6.43 -7.12 -2.00
CA THR A 25 -5.18 -7.65 -2.52
C THR A 25 -5.42 -8.32 -3.88
N ARG A 26 -4.37 -8.31 -4.69
CA ARG A 26 -4.46 -8.91 -6.01
C ARG A 26 -3.07 -8.95 -6.66
N ILE A 27 -2.35 -10.03 -6.38
CA ILE A 27 -1.01 -10.20 -6.92
C ILE A 27 -0.99 -9.74 -8.38
N CYS A 28 0.20 -9.46 -8.86
CA CYS A 28 0.37 -9.01 -10.24
C CYS A 28 1.41 -9.91 -10.91
N THR A 29 2.49 -10.15 -10.19
CA THR A 29 3.56 -11.00 -10.71
C THR A 29 3.98 -12.03 -9.67
N MET A 30 4.99 -12.80 -10.01
CA MET A 30 5.50 -13.82 -9.12
C MET A 30 6.69 -13.29 -8.30
N GLN A 31 6.59 -12.04 -7.92
CA GLN A 31 7.63 -11.40 -7.13
C GLN A 31 7.02 -10.41 -6.12
N CYS A 32 7.88 -9.92 -5.24
CA CYS A 32 7.44 -8.97 -4.23
C CYS A 32 7.78 -7.56 -4.71
N ARG A 33 7.44 -6.59 -3.88
CA ARG A 33 7.70 -5.20 -4.21
C ARG A 33 8.38 -4.49 -3.03
N ILE A 34 9.57 -3.99 -3.30
CA ILE A 34 10.33 -3.29 -2.26
C ILE A 34 9.97 -1.81 -2.29
N GLY A 35 9.45 -1.34 -1.16
CA GLY A 35 9.06 0.05 -1.03
C GLY A 35 8.06 0.24 0.10
N CYS A 36 7.70 1.49 0.33
CA CYS A 36 6.75 1.82 1.38
C CYS A 36 5.34 1.51 0.88
N GLN A 37 4.49 1.10 1.80
CA GLN A 37 3.11 0.77 1.48
C GLN A 37 2.17 1.29 2.55
N CYS A 38 0.88 1.02 2.35
CA CYS A 38 -0.14 1.46 3.28
C CYS A 38 -0.34 0.36 4.32
N GLN A 39 -0.22 0.74 5.58
CA GLN A 39 -0.38 -0.21 6.67
C GLN A 39 -1.80 -0.79 6.65
N GLU A 40 -1.99 -1.82 7.46
CA GLU A 40 -3.28 -2.48 7.54
C GLU A 40 -4.33 -1.52 8.11
N GLY A 41 -5.14 -0.99 7.21
CA GLY A 41 -6.18 -0.06 7.61
C GLY A 41 -6.12 1.23 6.78
N PHE A 42 -5.15 1.26 5.88
CA PHE A 42 -4.96 2.42 5.02
C PHE A 42 -4.85 2.01 3.56
N LEU A 43 -5.21 2.94 2.68
CA LEU A 43 -5.15 2.67 1.26
C LEU A 43 -4.45 3.84 0.56
N ARG A 44 -3.63 3.50 -0.43
CA ARG A 44 -2.88 4.51 -1.17
C ARG A 44 -3.79 5.15 -2.22
N ASN A 45 -3.80 6.47 -2.23
CA ASN A 45 -4.60 7.23 -3.18
C ASN A 45 -3.76 7.58 -4.40
N GLY A 46 -4.43 7.73 -5.52
CA GLY A 46 -3.77 8.08 -6.77
C GLY A 46 -2.57 9.00 -6.50
N GLU A 47 -2.72 9.83 -5.47
CA GLU A 47 -1.67 10.76 -5.11
C GLU A 47 -0.64 10.09 -4.21
N GLY A 48 -0.41 8.81 -4.48
CA GLY A 48 0.54 8.04 -3.71
C GLY A 48 0.48 8.42 -2.22
N ALA A 49 -0.73 8.66 -1.76
CA ALA A 49 -0.95 9.03 -0.37
C ALA A 49 -1.72 7.92 0.34
N CYS A 50 -1.08 7.38 1.38
CA CYS A 50 -1.69 6.30 2.14
C CYS A 50 -2.73 6.93 3.08
N VAL A 51 -3.97 6.90 2.63
CA VAL A 51 -5.07 7.44 3.42
C VAL A 51 -6.07 6.34 3.73
N LEU A 52 -6.68 6.45 4.91
CA LEU A 52 -7.66 5.46 5.34
C LEU A 52 -8.74 5.33 4.27
N PRO A 53 -9.42 4.14 4.28
CA PRO A 53 -10.47 3.87 3.33
C PRO A 53 -11.75 4.64 3.68
N GLU A 54 -11.92 4.88 4.97
CA GLU A 54 -13.08 5.60 5.45
C GLU A 54 -12.94 7.10 5.15
N ASN A 55 -11.77 7.45 4.65
CA ASN A 55 -11.49 8.85 4.33
C ASN A 55 -11.37 8.99 2.81
N CYS A 56 -11.54 7.88 2.08
CA CYS A 56 -11.45 7.89 0.64
C CYS A 56 -12.41 8.93 0.08
N GLU A 1 11.61 2.83 9.63
CA GLU A 1 11.98 3.67 8.52
C GLU A 1 11.41 5.07 8.71
N GLU A 2 11.59 5.90 7.68
CA GLU A 2 11.10 7.26 7.72
C GLU A 2 10.05 7.48 6.64
N CYS A 3 9.18 6.49 6.48
CA CYS A 3 8.13 6.56 5.49
C CYS A 3 7.01 7.46 6.03
N GLY A 4 6.07 7.78 5.15
CA GLY A 4 4.95 8.63 5.52
C GLY A 4 4.27 8.11 6.78
N PRO A 5 3.26 8.89 7.25
CA PRO A 5 2.51 8.52 8.44
C PRO A 5 1.53 7.37 8.14
N ASN A 6 1.65 6.32 8.93
CA ASN A 6 0.79 5.16 8.76
C ASN A 6 1.36 4.27 7.65
N GLU A 7 2.52 4.65 7.15
CA GLU A 7 3.17 3.91 6.10
C GLU A 7 4.35 3.09 6.66
N VAL A 8 4.72 2.06 5.93
CA VAL A 8 5.82 1.21 6.35
C VAL A 8 6.62 0.77 5.12
N PHE A 9 7.88 0.47 5.35
CA PHE A 9 8.76 0.04 4.27
C PHE A 9 8.97 -1.47 4.30
N ASN A 10 8.73 -2.08 3.14
CA ASN A 10 8.89 -3.53 3.03
C ASN A 10 9.79 -3.84 1.83
N THR A 11 10.67 -4.80 2.03
CA THR A 11 11.60 -5.21 0.98
C THR A 11 10.98 -6.31 0.12
N CYS A 12 9.68 -6.50 0.31
CA CYS A 12 8.96 -7.51 -0.44
C CYS A 12 7.48 -7.44 -0.04
N GLY A 13 6.79 -6.45 -0.61
CA GLY A 13 5.38 -6.27 -0.32
C GLY A 13 4.52 -6.62 -1.54
N SER A 14 3.23 -6.78 -1.29
CA SER A 14 2.29 -7.10 -2.35
C SER A 14 2.57 -6.23 -3.57
N ALA A 15 3.19 -6.83 -4.57
CA ALA A 15 3.52 -6.11 -5.79
C ALA A 15 2.29 -5.30 -6.24
N CYS A 16 1.13 -5.89 -6.03
CA CYS A 16 -0.12 -5.24 -6.41
C CYS A 16 -0.99 -5.12 -5.15
N ALA A 17 -0.39 -4.57 -4.11
CA ALA A 17 -1.09 -4.38 -2.85
C ALA A 17 -2.40 -3.62 -3.11
N PRO A 18 -3.27 -3.60 -2.06
CA PRO A 18 -4.55 -2.92 -2.17
C PRO A 18 -4.36 -1.40 -2.10
N THR A 19 -5.36 -0.70 -2.63
CA THR A 19 -5.32 0.75 -2.63
C THR A 19 -6.71 1.32 -2.38
N CYS A 20 -6.80 2.65 -2.44
CA CYS A 20 -8.07 3.32 -2.22
C CYS A 20 -9.03 2.92 -3.35
N ALA A 21 -8.44 2.62 -4.50
CA ALA A 21 -9.23 2.22 -5.65
C ALA A 21 -9.58 0.74 -5.54
N GLN A 22 -8.57 -0.05 -5.19
CA GLN A 22 -8.75 -1.48 -5.06
C GLN A 22 -8.49 -1.91 -3.61
N PRO A 23 -9.52 -1.71 -2.75
CA PRO A 23 -9.41 -2.06 -1.34
C PRO A 23 -9.51 -3.58 -1.15
N LYS A 24 -8.55 -4.28 -1.73
CA LYS A 24 -8.52 -5.73 -1.64
C LYS A 24 -7.29 -6.26 -2.38
N THR A 25 -6.46 -6.98 -1.64
CA THR A 25 -5.25 -7.55 -2.22
C THR A 25 -5.54 -8.13 -3.60
N ARG A 26 -4.48 -8.28 -4.38
CA ARG A 26 -4.60 -8.82 -5.72
C ARG A 26 -3.22 -9.00 -6.34
N ILE A 27 -2.62 -10.15 -6.07
CA ILE A 27 -1.30 -10.45 -6.59
C ILE A 27 -1.26 -10.09 -8.08
N CYS A 28 -0.03 -9.94 -8.58
CA CYS A 28 0.16 -9.58 -9.97
C CYS A 28 1.09 -10.62 -10.61
N THR A 29 2.16 -10.93 -9.89
CA THR A 29 3.13 -11.90 -10.37
C THR A 29 3.85 -12.56 -9.18
N MET A 30 4.88 -13.33 -9.51
CA MET A 30 5.65 -14.02 -8.50
C MET A 30 6.83 -13.16 -8.03
N GLN A 31 6.51 -11.93 -7.67
CA GLN A 31 7.53 -11.00 -7.20
C GLN A 31 6.96 -10.09 -6.11
N CYS A 32 7.87 -9.42 -5.42
CA CYS A 32 7.47 -8.50 -4.35
C CYS A 32 7.81 -7.07 -4.79
N ARG A 33 7.46 -6.13 -3.93
CA ARG A 33 7.72 -4.73 -4.21
C ARG A 33 8.56 -4.11 -3.09
N ILE A 34 9.65 -3.49 -3.49
CA ILE A 34 10.54 -2.85 -2.53
C ILE A 34 10.22 -1.36 -2.45
N GLY A 35 9.77 -0.94 -1.28
CA GLY A 35 9.43 0.45 -1.05
C GLY A 35 8.42 0.59 0.09
N CYS A 36 8.00 1.83 0.32
CA CYS A 36 7.04 2.10 1.38
C CYS A 36 5.65 1.72 0.88
N GLN A 37 4.80 1.38 1.83
CA GLN A 37 3.43 0.98 1.51
C GLN A 37 2.47 1.48 2.59
N CYS A 38 1.20 1.14 2.41
CA CYS A 38 0.18 1.55 3.36
C CYS A 38 0.02 0.43 4.40
N GLN A 39 0.15 0.82 5.66
CA GLN A 39 0.02 -0.12 6.76
C GLN A 39 -1.37 -0.75 6.76
N GLU A 40 -1.52 -1.79 7.56
CA GLU A 40 -2.79 -2.49 7.68
C GLU A 40 -3.85 -1.55 8.27
N GLY A 41 -4.71 -1.06 7.40
CA GLY A 41 -5.76 -0.15 7.82
C GLY A 41 -5.75 1.13 7.00
N PHE A 42 -4.81 1.20 6.07
CA PHE A 42 -4.67 2.37 5.22
C PHE A 42 -4.60 1.97 3.74
N LEU A 43 -5.03 2.88 2.88
CA LEU A 43 -5.01 2.64 1.46
C LEU A 43 -4.35 3.82 0.75
N ARG A 44 -3.52 3.49 -0.24
CA ARG A 44 -2.83 4.51 -0.99
C ARG A 44 -3.76 5.14 -2.03
N ASN A 45 -3.78 6.47 -2.03
CA ASN A 45 -4.63 7.20 -2.96
C ASN A 45 -3.80 7.63 -4.18
N GLY A 46 -4.48 7.74 -5.30
CA GLY A 46 -3.82 8.14 -6.54
C GLY A 46 -2.69 9.13 -6.26
N GLU A 47 -2.89 9.93 -5.23
CA GLU A 47 -1.91 10.93 -4.84
C GLU A 47 -0.83 10.30 -3.96
N GLY A 48 -0.52 9.05 -4.27
CA GLY A 48 0.49 8.32 -3.52
C GLY A 48 0.42 8.66 -2.03
N ALA A 49 -0.80 8.83 -1.55
CA ALA A 49 -1.01 9.17 -0.15
C ALA A 49 -1.74 8.01 0.54
N CYS A 50 -1.11 7.49 1.58
CA CYS A 50 -1.67 6.38 2.34
C CYS A 50 -2.75 6.94 3.27
N VAL A 51 -3.99 6.89 2.81
CA VAL A 51 -5.11 7.38 3.60
C VAL A 51 -6.05 6.22 3.93
N LEU A 52 -6.63 6.29 5.11
CA LEU A 52 -7.55 5.26 5.56
C LEU A 52 -8.62 5.04 4.49
N PRO A 53 -9.23 3.82 4.54
CA PRO A 53 -10.26 3.46 3.58
C PRO A 53 -11.58 4.17 3.90
N GLU A 54 -11.77 4.44 5.18
CA GLU A 54 -12.97 5.11 5.64
C GLU A 54 -12.91 6.60 5.30
N ASN A 55 -11.75 7.02 4.81
CA ASN A 55 -11.55 8.41 4.44
C ASN A 55 -11.42 8.52 2.92
N CYS A 56 -11.52 7.37 2.24
CA CYS A 56 -11.42 7.33 0.79
C CYS A 56 -12.44 8.28 0.18
N GLU A 1 12.31 7.50 1.23
CA GLU A 1 12.88 6.69 2.30
C GLU A 1 12.21 7.02 3.62
N GLU A 2 11.95 5.98 4.39
CA GLU A 2 11.31 6.15 5.68
C GLU A 2 9.82 6.46 5.51
N CYS A 3 9.04 5.40 5.32
CA CYS A 3 7.61 5.55 5.13
C CYS A 3 7.10 6.60 6.12
N GLY A 4 5.93 7.14 5.81
CA GLY A 4 5.33 8.15 6.66
C GLY A 4 4.53 7.52 7.80
N PRO A 5 3.62 8.34 8.39
CA PRO A 5 2.79 7.86 9.48
C PRO A 5 1.68 6.94 8.98
N ASN A 6 1.59 5.78 9.61
CA ASN A 6 0.57 4.81 9.22
C ASN A 6 1.09 3.97 8.05
N GLU A 7 2.31 4.29 7.63
CA GLU A 7 2.93 3.58 6.52
C GLU A 7 4.05 2.68 7.03
N VAL A 8 4.35 1.66 6.24
CA VAL A 8 5.39 0.71 6.61
C VAL A 8 6.19 0.34 5.36
N PHE A 9 7.40 -0.18 5.59
CA PHE A 9 8.26 -0.58 4.50
C PHE A 9 8.37 -2.11 4.42
N ASN A 10 8.15 -2.61 3.22
CA ASN A 10 8.23 -4.05 2.99
C ASN A 10 9.17 -4.33 1.82
N THR A 11 10.13 -5.21 2.07
CA THR A 11 11.11 -5.57 1.05
C THR A 11 10.50 -6.59 0.08
N CYS A 12 9.36 -7.14 0.48
CA CYS A 12 8.68 -8.12 -0.34
C CYS A 12 7.17 -8.03 -0.05
N GLY A 13 6.54 -7.05 -0.68
CA GLY A 13 5.12 -6.84 -0.49
C GLY A 13 4.35 -7.13 -1.78
N SER A 14 3.04 -6.96 -1.71
CA SER A 14 2.18 -7.20 -2.85
C SER A 14 2.42 -6.11 -3.91
N ALA A 15 3.01 -6.53 -5.02
CA ALA A 15 3.28 -5.61 -6.11
C ALA A 15 1.98 -4.98 -6.59
N CYS A 16 0.88 -5.63 -6.23
CA CYS A 16 -0.44 -5.14 -6.61
C CYS A 16 -1.27 -4.95 -5.34
N ALA A 17 -0.58 -4.59 -4.26
CA ALA A 17 -1.24 -4.38 -2.99
C ALA A 17 -2.51 -3.57 -3.21
N PRO A 18 -3.39 -3.56 -2.16
CA PRO A 18 -4.64 -2.83 -2.24
C PRO A 18 -4.41 -1.33 -2.10
N THR A 19 -5.39 -0.57 -2.56
CA THR A 19 -5.31 0.88 -2.48
C THR A 19 -6.71 1.49 -2.40
N CYS A 20 -6.74 2.81 -2.47
CA CYS A 20 -8.02 3.52 -2.40
C CYS A 20 -8.83 3.17 -3.64
N ALA A 21 -8.13 2.70 -4.66
CA ALA A 21 -8.78 2.31 -5.90
C ALA A 21 -9.18 0.84 -5.83
N GLN A 22 -8.23 0.02 -5.38
CA GLN A 22 -8.47 -1.40 -5.26
C GLN A 22 -8.31 -1.85 -3.81
N PRO A 23 -9.47 -1.93 -3.11
CA PRO A 23 -9.48 -2.34 -1.72
C PRO A 23 -9.25 -3.85 -1.58
N LYS A 24 -9.08 -4.49 -2.73
CA LYS A 24 -8.86 -5.92 -2.76
C LYS A 24 -7.64 -6.23 -3.62
N THR A 25 -6.61 -6.76 -2.97
CA THR A 25 -5.38 -7.10 -3.67
C THR A 25 -5.38 -8.59 -4.06
N ARG A 26 -4.35 -8.97 -4.80
CA ARG A 26 -4.22 -10.35 -5.24
C ARG A 26 -2.91 -10.54 -6.00
N ILE A 27 -1.84 -10.04 -5.39
CA ILE A 27 -0.52 -10.15 -6.00
C ILE A 27 -0.53 -9.49 -7.38
N CYS A 28 0.65 -9.18 -7.86
CA CYS A 28 0.78 -8.54 -9.16
C CYS A 28 1.45 -9.54 -10.12
N THR A 29 2.35 -10.34 -9.56
CA THR A 29 3.06 -11.33 -10.33
C THR A 29 3.89 -12.23 -9.42
N MET A 30 4.69 -13.07 -10.06
CA MET A 30 5.55 -13.99 -9.31
C MET A 30 6.77 -13.27 -8.73
N GLN A 31 6.48 -12.31 -7.86
CA GLN A 31 7.53 -11.54 -7.23
C GLN A 31 6.94 -10.59 -6.18
N CYS A 32 7.83 -10.00 -5.39
CA CYS A 32 7.40 -9.08 -4.36
C CYS A 32 7.77 -7.66 -4.79
N ARG A 33 7.38 -6.69 -3.97
CA ARG A 33 7.66 -5.29 -4.26
C ARG A 33 8.33 -4.63 -3.07
N ILE A 34 9.45 -3.98 -3.34
CA ILE A 34 10.18 -3.30 -2.29
C ILE A 34 9.79 -1.82 -2.27
N GLY A 35 9.21 -1.41 -1.15
CA GLY A 35 8.78 -0.03 -0.99
C GLY A 35 7.84 0.12 0.19
N CYS A 36 7.46 1.37 0.47
CA CYS A 36 6.57 1.65 1.57
C CYS A 36 5.14 1.37 1.12
N GLN A 37 4.30 1.00 2.08
CA GLN A 37 2.91 0.69 1.80
C GLN A 37 2.01 1.23 2.91
N CYS A 38 0.71 1.01 2.73
CA CYS A 38 -0.26 1.46 3.72
C CYS A 38 -0.48 0.33 4.73
N GLN A 39 -0.45 0.71 6.00
CA GLN A 39 -0.65 -0.26 7.07
C GLN A 39 -2.10 -0.70 7.14
N GLU A 40 -2.37 -1.64 8.03
CA GLU A 40 -3.72 -2.15 8.21
C GLU A 40 -4.64 -1.05 8.76
N GLY A 41 -5.45 -0.50 7.88
CA GLY A 41 -6.37 0.55 8.27
C GLY A 41 -6.18 1.80 7.40
N PHE A 42 -5.23 1.70 6.48
CA PHE A 42 -4.94 2.81 5.59
C PHE A 42 -4.85 2.33 4.13
N LEU A 43 -5.16 3.24 3.23
CA LEU A 43 -5.13 2.93 1.81
C LEU A 43 -4.30 3.99 1.08
N ARG A 44 -3.68 3.56 -0.01
CA ARG A 44 -2.86 4.46 -0.80
C ARG A 44 -3.73 5.23 -1.80
N ASN A 45 -3.45 6.52 -1.89
CA ASN A 45 -4.20 7.38 -2.81
C ASN A 45 -3.27 7.85 -3.92
N GLY A 46 -3.86 8.01 -5.10
CA GLY A 46 -3.10 8.45 -6.26
C GLY A 46 -2.03 9.47 -5.86
N GLU A 47 -2.33 10.20 -4.80
CA GLU A 47 -1.41 11.21 -4.30
C GLU A 47 -0.28 10.54 -3.50
N GLY A 48 0.08 9.34 -3.92
CA GLY A 48 1.14 8.60 -3.25
C GLY A 48 1.07 8.80 -1.74
N ALA A 49 -0.15 8.95 -1.25
CA ALA A 49 -0.36 9.14 0.18
C ALA A 49 -1.13 7.95 0.75
N CYS A 50 -1.11 7.84 2.07
CA CYS A 50 -1.80 6.75 2.74
C CYS A 50 -2.96 7.34 3.56
N VAL A 51 -4.14 7.25 2.98
CA VAL A 51 -5.34 7.77 3.63
C VAL A 51 -6.27 6.61 3.97
N LEU A 52 -6.92 6.73 5.13
CA LEU A 52 -7.84 5.70 5.57
C LEU A 52 -8.82 5.37 4.45
N PRO A 53 -9.40 4.14 4.53
CA PRO A 53 -10.35 3.69 3.53
C PRO A 53 -11.70 4.38 3.72
N GLU A 54 -11.99 4.72 4.97
CA GLU A 54 -13.24 5.38 5.30
C GLU A 54 -13.20 6.84 4.86
N ASN A 55 -12.03 7.27 4.44
CA ASN A 55 -11.84 8.64 4.00
C ASN A 55 -11.62 8.66 2.48
N CYS A 56 -11.64 7.47 1.87
CA CYS A 56 -11.44 7.34 0.43
C CYS A 56 -12.38 8.29 -0.30
N GLU A 1 9.78 2.87 8.54
CA GLU A 1 11.06 2.80 7.87
C GLU A 1 11.25 4.01 6.99
N GLU A 2 11.38 5.17 7.65
CA GLU A 2 11.57 6.42 6.93
C GLU A 2 10.50 6.58 5.85
N CYS A 3 9.28 6.24 6.22
CA CYS A 3 8.16 6.35 5.29
C CYS A 3 7.15 7.34 5.87
N GLY A 4 6.17 7.68 5.05
CA GLY A 4 5.13 8.61 5.47
C GLY A 4 4.40 8.10 6.71
N PRO A 5 3.43 8.92 7.19
CA PRO A 5 2.66 8.57 8.37
C PRO A 5 1.63 7.49 8.04
N ASN A 6 1.65 6.42 8.82
CA ASN A 6 0.73 5.33 8.61
C ASN A 6 1.26 4.41 7.53
N GLU A 7 2.46 4.73 7.05
CA GLU A 7 3.10 3.94 6.01
C GLU A 7 4.26 3.15 6.58
N VAL A 8 4.62 2.08 5.88
CA VAL A 8 5.72 1.23 6.31
C VAL A 8 6.53 0.80 5.08
N PHE A 9 7.75 0.36 5.35
CA PHE A 9 8.64 -0.09 4.29
C PHE A 9 8.79 -1.60 4.31
N ASN A 10 8.55 -2.20 3.15
CA ASN A 10 8.66 -3.65 3.02
C ASN A 10 9.58 -3.98 1.84
N THR A 11 10.54 -4.86 2.11
CA THR A 11 11.49 -5.27 1.08
C THR A 11 10.84 -6.29 0.14
N CYS A 12 9.70 -6.80 0.57
CA CYS A 12 8.98 -7.79 -0.22
C CYS A 12 7.49 -7.65 0.07
N GLY A 13 6.88 -6.65 -0.56
CA GLY A 13 5.46 -6.39 -0.37
C GLY A 13 4.67 -6.78 -1.62
N SER A 14 3.35 -6.63 -1.51
CA SER A 14 2.47 -6.97 -2.61
C SER A 14 2.64 -5.94 -3.74
N ALA A 15 3.27 -6.40 -4.82
CA ALA A 15 3.50 -5.54 -5.97
C ALA A 15 2.19 -4.85 -6.35
N CYS A 16 1.10 -5.58 -6.17
CA CYS A 16 -0.22 -5.05 -6.50
C CYS A 16 -1.02 -4.92 -5.21
N ALA A 17 -0.35 -4.40 -4.18
CA ALA A 17 -0.99 -4.22 -2.89
C ALA A 17 -2.33 -3.51 -3.08
N PRO A 18 -3.11 -3.43 -1.96
CA PRO A 18 -4.41 -2.78 -2.00
C PRO A 18 -4.25 -1.26 -2.04
N THR A 19 -5.33 -0.60 -2.45
CA THR A 19 -5.33 0.85 -2.53
C THR A 19 -6.76 1.39 -2.46
N CYS A 20 -6.86 2.71 -2.53
CA CYS A 20 -8.17 3.36 -2.47
C CYS A 20 -9.04 2.79 -3.59
N ALA A 21 -8.37 2.32 -4.63
CA ALA A 21 -9.07 1.74 -5.77
C ALA A 21 -9.38 0.28 -5.49
N GLN A 22 -8.36 -0.44 -5.04
CA GLN A 22 -8.49 -1.85 -4.74
C GLN A 22 -8.27 -2.09 -3.24
N PRO A 23 -9.40 -2.04 -2.48
CA PRO A 23 -9.34 -2.26 -1.05
C PRO A 23 -9.13 -3.73 -0.72
N LYS A 24 -9.03 -4.53 -1.76
CA LYS A 24 -8.83 -5.96 -1.60
C LYS A 24 -7.45 -6.34 -2.13
N THR A 25 -7.21 -7.65 -2.17
CA THR A 25 -5.93 -8.15 -2.65
C THR A 25 -6.07 -8.67 -4.09
N ARG A 26 -5.04 -8.40 -4.88
CA ARG A 26 -5.03 -8.82 -6.27
C ARG A 26 -3.59 -8.96 -6.77
N ILE A 27 -3.03 -10.14 -6.53
CA ILE A 27 -1.66 -10.41 -6.96
C ILE A 27 -1.45 -9.87 -8.38
N CYS A 28 -0.19 -9.67 -8.71
CA CYS A 28 0.16 -9.17 -10.04
C CYS A 28 1.10 -10.16 -10.70
N THR A 29 2.06 -10.64 -9.90
CA THR A 29 3.03 -11.59 -10.40
C THR A 29 3.83 -12.19 -9.23
N MET A 30 4.72 -13.11 -9.58
CA MET A 30 5.55 -13.75 -8.57
C MET A 30 6.79 -12.93 -8.28
N GLN A 31 6.57 -11.77 -7.67
CA GLN A 31 7.66 -10.88 -7.33
C GLN A 31 7.19 -9.81 -6.34
N CYS A 32 7.90 -9.72 -5.23
CA CYS A 32 7.57 -8.76 -4.20
C CYS A 32 7.95 -7.36 -4.70
N ARG A 33 7.63 -6.37 -3.90
CA ARG A 33 7.94 -4.99 -4.24
C ARG A 33 8.63 -4.29 -3.07
N ILE A 34 9.82 -3.79 -3.33
CA ILE A 34 10.59 -3.09 -2.31
C ILE A 34 10.22 -1.61 -2.33
N GLY A 35 9.67 -1.16 -1.22
CA GLY A 35 9.28 0.24 -1.09
C GLY A 35 8.28 0.42 0.05
N CYS A 36 7.90 1.67 0.27
CA CYS A 36 6.96 2.00 1.32
C CYS A 36 5.55 1.67 0.82
N GLN A 37 4.69 1.29 1.77
CA GLN A 37 3.32 0.95 1.45
C GLN A 37 2.37 1.48 2.53
N CYS A 38 1.09 1.19 2.33
CA CYS A 38 0.08 1.63 3.27
C CYS A 38 -0.08 0.55 4.35
N GLN A 39 -0.07 0.98 5.59
CA GLN A 39 -0.21 0.07 6.71
C GLN A 39 -1.63 -0.51 6.75
N GLU A 40 -1.80 -1.53 7.58
CA GLU A 40 -3.09 -2.18 7.71
C GLU A 40 -4.12 -1.20 8.27
N GLY A 41 -4.97 -0.71 7.37
CA GLY A 41 -6.00 0.24 7.76
C GLY A 41 -5.94 1.50 6.89
N PHE A 42 -4.98 1.51 5.98
CA PHE A 42 -4.81 2.65 5.09
C PHE A 42 -4.75 2.20 3.63
N LEU A 43 -5.15 3.10 2.74
CA LEU A 43 -5.14 2.83 1.32
C LEU A 43 -4.43 3.96 0.57
N ARG A 44 -3.62 3.56 -0.38
CA ARG A 44 -2.87 4.53 -1.17
C ARG A 44 -3.78 5.15 -2.25
N ASN A 45 -3.78 6.47 -2.29
CA ASN A 45 -4.59 7.19 -3.25
C ASN A 45 -3.75 7.52 -4.49
N GLY A 46 -4.42 7.62 -5.62
CA GLY A 46 -3.75 7.92 -6.87
C GLY A 46 -2.56 8.85 -6.65
N GLU A 47 -2.71 9.72 -5.65
CA GLU A 47 -1.65 10.66 -5.32
C GLU A 47 -0.63 10.01 -4.39
N GLY A 48 -0.39 8.73 -4.63
CA GLY A 48 0.57 7.99 -3.83
C GLY A 48 0.50 8.41 -2.36
N ALA A 49 -0.71 8.68 -1.91
CA ALA A 49 -0.92 9.09 -0.53
C ALA A 49 -1.67 8.00 0.23
N CYS A 50 -1.04 7.50 1.27
CA CYS A 50 -1.64 6.45 2.08
C CYS A 50 -2.68 7.09 3.00
N VAL A 51 -3.93 7.06 2.54
CA VAL A 51 -5.02 7.63 3.31
C VAL A 51 -6.02 6.52 3.68
N LEU A 52 -6.60 6.66 4.86
CA LEU A 52 -7.57 5.68 5.34
C LEU A 52 -8.64 5.47 4.28
N PRO A 53 -9.30 4.28 4.36
CA PRO A 53 -10.35 3.95 3.41
C PRO A 53 -11.64 4.72 3.72
N GLU A 54 -11.82 5.02 4.99
CA GLU A 54 -12.99 5.74 5.43
C GLU A 54 -12.87 7.22 5.06
N ASN A 55 -11.69 7.58 4.56
CA ASN A 55 -11.43 8.95 4.17
C ASN A 55 -11.30 9.02 2.65
N CYS A 56 -11.45 7.88 1.97
CA CYS A 56 -11.35 7.81 0.53
C CYS A 56 -12.40 8.73 -0.09
N GLU A 1 9.86 3.27 10.35
CA GLU A 1 10.64 3.42 9.13
C GLU A 1 10.74 4.88 8.74
N GLU A 2 11.31 5.11 7.57
CA GLU A 2 11.47 6.46 7.08
C GLU A 2 10.45 6.74 5.97
N CYS A 3 9.24 6.23 6.18
CA CYS A 3 8.17 6.41 5.21
C CYS A 3 7.14 7.36 5.81
N GLY A 4 6.20 7.77 4.96
CA GLY A 4 5.16 8.68 5.40
C GLY A 4 4.51 8.19 6.69
N PRO A 5 3.56 9.02 7.21
CA PRO A 5 2.85 8.69 8.43
C PRO A 5 1.82 7.59 8.19
N ASN A 6 1.92 6.53 8.98
CA ASN A 6 1.00 5.41 8.88
C ASN A 6 1.49 4.48 7.76
N GLU A 7 2.64 4.81 7.21
CA GLU A 7 3.22 4.02 6.14
C GLU A 7 4.39 3.18 6.68
N VAL A 8 4.67 2.10 5.97
CA VAL A 8 5.75 1.22 6.36
C VAL A 8 6.50 0.75 5.11
N PHE A 9 7.77 0.43 5.31
CA PHE A 9 8.60 -0.03 4.21
C PHE A 9 8.81 -1.54 4.27
N ASN A 10 8.51 -2.19 3.15
CA ASN A 10 8.64 -3.63 3.07
C ASN A 10 9.55 -3.98 1.87
N THR A 11 10.53 -4.82 2.14
CA THR A 11 11.46 -5.25 1.10
C THR A 11 10.83 -6.33 0.23
N CYS A 12 9.65 -6.77 0.66
CA CYS A 12 8.94 -7.81 -0.06
C CYS A 12 7.43 -7.58 0.13
N GLY A 13 6.93 -6.59 -0.58
CA GLY A 13 5.52 -6.25 -0.49
C GLY A 13 4.75 -6.79 -1.70
N SER A 14 3.66 -6.12 -2.03
CA SER A 14 2.83 -6.52 -3.15
C SER A 14 2.92 -5.47 -4.26
N ALA A 15 3.36 -5.92 -5.43
CA ALA A 15 3.50 -5.03 -6.58
C ALA A 15 2.13 -4.45 -6.93
N CYS A 16 1.09 -5.20 -6.58
CA CYS A 16 -0.26 -4.77 -6.85
C CYS A 16 -1.04 -4.72 -5.52
N ALA A 17 -0.31 -4.35 -4.48
CA ALA A 17 -0.91 -4.26 -3.16
C ALA A 17 -2.27 -3.57 -3.25
N PRO A 18 -3.04 -3.64 -2.13
CA PRO A 18 -4.36 -3.03 -2.09
C PRO A 18 -4.25 -1.51 -1.95
N THR A 19 -5.31 -0.83 -2.36
CA THR A 19 -5.35 0.62 -2.29
C THR A 19 -6.80 1.12 -2.28
N CYS A 20 -6.93 2.43 -2.36
CA CYS A 20 -8.25 3.05 -2.37
C CYS A 20 -9.02 2.50 -3.57
N ALA A 21 -8.28 1.96 -4.52
CA ALA A 21 -8.88 1.40 -5.73
C ALA A 21 -9.18 -0.08 -5.49
N GLN A 22 -8.18 -0.79 -5.00
CA GLN A 22 -8.33 -2.20 -4.73
C GLN A 22 -8.11 -2.49 -3.25
N PRO A 23 -9.23 -2.46 -2.48
CA PRO A 23 -9.17 -2.72 -1.05
C PRO A 23 -8.97 -4.21 -0.76
N LYS A 24 -8.84 -4.97 -1.84
CA LYS A 24 -8.64 -6.40 -1.71
C LYS A 24 -7.40 -6.81 -2.52
N THR A 25 -6.41 -7.33 -1.80
CA THR A 25 -5.18 -7.76 -2.44
C THR A 25 -5.48 -8.43 -3.78
N ARG A 26 -4.46 -8.46 -4.63
CA ARG A 26 -4.60 -9.07 -5.95
C ARG A 26 -3.23 -9.22 -6.62
N ILE A 27 -2.59 -10.33 -6.34
CA ILE A 27 -1.27 -10.60 -6.91
C ILE A 27 -1.26 -10.15 -8.37
N CYS A 28 -0.05 -9.98 -8.89
CA CYS A 28 0.12 -9.56 -10.28
C CYS A 28 1.11 -10.51 -10.95
N THR A 29 2.21 -10.76 -10.26
CA THR A 29 3.23 -11.66 -10.77
C THR A 29 3.98 -12.34 -9.63
N MET A 30 5.01 -13.08 -10.00
CA MET A 30 5.81 -13.79 -9.01
C MET A 30 7.01 -12.94 -8.57
N GLN A 31 6.78 -12.11 -7.57
CA GLN A 31 7.83 -11.24 -7.06
C GLN A 31 7.24 -10.23 -6.07
N CYS A 32 7.96 -10.03 -4.98
CA CYS A 32 7.54 -9.09 -3.96
C CYS A 32 7.74 -7.67 -4.50
N ARG A 33 7.33 -6.70 -3.69
CA ARG A 33 7.47 -5.30 -4.07
C ARG A 33 8.20 -4.52 -2.97
N ILE A 34 9.37 -4.02 -3.33
CA ILE A 34 10.17 -3.26 -2.39
C ILE A 34 9.76 -1.78 -2.46
N GLY A 35 9.30 -1.29 -1.31
CA GLY A 35 8.87 0.10 -1.22
C GLY A 35 7.95 0.30 -0.01
N CYS A 36 7.57 1.55 0.19
CA CYS A 36 6.69 1.90 1.30
C CYS A 36 5.26 1.52 0.92
N GLN A 37 4.47 1.23 1.94
CA GLN A 37 3.09 0.85 1.74
C GLN A 37 2.20 1.44 2.84
N CYS A 38 0.92 1.14 2.74
CA CYS A 38 -0.04 1.64 3.71
C CYS A 38 -0.20 0.59 4.80
N GLN A 39 -0.13 1.06 6.05
CA GLN A 39 -0.27 0.17 7.19
C GLN A 39 -1.72 -0.33 7.30
N GLU A 40 -1.90 -1.28 8.21
CA GLU A 40 -3.22 -1.85 8.41
C GLU A 40 -4.19 -0.79 8.95
N GLY A 41 -5.04 -0.32 8.05
CA GLY A 41 -6.02 0.69 8.41
C GLY A 41 -5.92 1.90 7.48
N PHE A 42 -4.95 1.84 6.58
CA PHE A 42 -4.74 2.91 5.63
C PHE A 42 -4.70 2.38 4.20
N LEU A 43 -5.07 3.25 3.26
CA LEU A 43 -5.08 2.87 1.86
C LEU A 43 -4.30 3.92 1.05
N ARG A 44 -3.71 3.46 -0.04
CA ARG A 44 -2.94 4.34 -0.90
C ARG A 44 -3.87 5.04 -1.90
N ASN A 45 -3.67 6.34 -2.05
CA ASN A 45 -4.48 7.13 -2.97
C ASN A 45 -3.60 7.58 -4.14
N GLY A 46 -4.23 7.65 -5.30
CA GLY A 46 -3.51 8.07 -6.50
C GLY A 46 -2.47 9.14 -6.19
N GLU A 47 -2.76 9.91 -5.15
CA GLU A 47 -1.86 10.96 -4.73
C GLU A 47 -0.70 10.39 -3.92
N GLY A 48 -0.30 9.17 -4.30
CA GLY A 48 0.79 8.50 -3.63
C GLY A 48 0.75 8.77 -2.13
N ALA A 49 -0.45 8.91 -1.60
CA ALA A 49 -0.63 9.17 -0.19
C ALA A 49 -1.33 7.97 0.46
N CYS A 50 -1.24 7.91 1.78
CA CYS A 50 -1.86 6.83 2.53
C CYS A 50 -3.01 7.41 3.35
N VAL A 51 -4.22 7.24 2.80
CA VAL A 51 -5.41 7.74 3.47
C VAL A 51 -6.29 6.56 3.87
N LEU A 52 -6.91 6.69 5.03
CA LEU A 52 -7.78 5.65 5.54
C LEU A 52 -8.79 5.26 4.46
N PRO A 53 -9.32 4.01 4.58
CA PRO A 53 -10.28 3.51 3.63
C PRO A 53 -11.66 4.15 3.84
N GLU A 54 -11.92 4.50 5.10
CA GLU A 54 -13.18 5.12 5.45
C GLU A 54 -13.20 6.59 5.00
N ASN A 55 -12.05 7.04 4.51
CA ASN A 55 -11.92 8.41 4.05
C ASN A 55 -11.77 8.41 2.53
N CYS A 56 -11.77 7.22 1.93
CA CYS A 56 -11.63 7.09 0.49
C CYS A 56 -12.64 8.00 -0.21
N GLU A 1 11.72 9.76 8.13
CA GLU A 1 12.27 8.61 8.80
C GLU A 1 11.23 7.48 8.83
N GLU A 2 11.51 6.45 8.05
CA GLU A 2 10.60 5.31 7.98
C GLU A 2 9.34 5.68 7.21
N CYS A 3 9.48 5.70 5.88
CA CYS A 3 8.36 6.03 5.02
C CYS A 3 7.59 7.19 5.66
N GLY A 4 6.35 7.35 5.22
CA GLY A 4 5.50 8.40 5.75
C GLY A 4 4.69 7.92 6.95
N PRO A 5 3.76 8.80 7.41
CA PRO A 5 2.92 8.47 8.55
C PRO A 5 1.83 7.47 8.16
N ASN A 6 1.77 6.38 8.91
CA ASN A 6 0.79 5.34 8.64
C ASN A 6 1.29 4.44 7.51
N GLU A 7 2.51 4.72 7.07
CA GLU A 7 3.11 3.95 6.00
C GLU A 7 4.26 3.10 6.54
N VAL A 8 4.61 2.08 5.77
CA VAL A 8 5.69 1.19 6.15
C VAL A 8 6.49 0.80 4.91
N PHE A 9 7.54 0.02 5.15
CA PHE A 9 8.40 -0.42 4.07
C PHE A 9 8.52 -1.95 4.04
N ASN A 10 8.35 -2.51 2.86
CA ASN A 10 8.43 -3.95 2.70
C ASN A 10 9.33 -4.27 1.49
N THR A 11 10.22 -5.22 1.71
CA THR A 11 11.14 -5.63 0.66
C THR A 11 10.45 -6.61 -0.30
N CYS A 12 9.57 -7.42 0.26
CA CYS A 12 8.85 -8.40 -0.52
C CYS A 12 7.36 -8.29 -0.16
N GLY A 13 6.73 -7.28 -0.72
CA GLY A 13 5.31 -7.05 -0.47
C GLY A 13 4.48 -7.34 -1.72
N SER A 14 3.17 -7.36 -1.53
CA SER A 14 2.26 -7.63 -2.63
C SER A 14 2.61 -6.73 -3.83
N ALA A 15 3.25 -7.34 -4.82
CA ALA A 15 3.65 -6.62 -6.01
C ALA A 15 2.53 -5.67 -6.42
N CYS A 16 1.30 -6.07 -6.11
CA CYS A 16 0.14 -5.27 -6.43
C CYS A 16 -0.74 -5.16 -5.19
N ALA A 17 -0.15 -4.61 -4.13
CA ALA A 17 -0.88 -4.45 -2.88
C ALA A 17 -2.19 -3.70 -3.14
N PRO A 18 -3.06 -3.70 -2.10
CA PRO A 18 -4.35 -3.02 -2.20
C PRO A 18 -4.18 -1.51 -2.12
N THR A 19 -5.17 -0.80 -2.65
CA THR A 19 -5.14 0.65 -2.65
C THR A 19 -6.56 1.21 -2.47
N CYS A 20 -6.67 2.52 -2.58
CA CYS A 20 -7.95 3.19 -2.44
C CYS A 20 -8.87 2.69 -3.56
N ALA A 21 -8.26 2.16 -4.60
CA ALA A 21 -9.01 1.65 -5.74
C ALA A 21 -9.28 0.16 -5.54
N GLN A 22 -8.23 -0.55 -5.15
CA GLN A 22 -8.34 -1.99 -4.91
C GLN A 22 -8.03 -2.31 -3.46
N PRO A 23 -9.09 -2.25 -2.61
CA PRO A 23 -8.94 -2.54 -1.19
C PRO A 23 -8.79 -4.04 -0.95
N LYS A 24 -8.80 -4.79 -2.05
CA LYS A 24 -8.66 -6.23 -1.97
C LYS A 24 -7.42 -6.66 -2.75
N THR A 25 -6.46 -7.21 -2.01
CA THR A 25 -5.23 -7.66 -2.63
C THR A 25 -5.51 -8.32 -3.99
N ARG A 26 -4.49 -8.34 -4.83
CA ARG A 26 -4.62 -8.92 -6.15
C ARG A 26 -3.24 -9.13 -6.78
N ILE A 27 -2.67 -10.29 -6.53
CA ILE A 27 -1.36 -10.62 -7.07
C ILE A 27 -1.26 -10.11 -8.50
N CYS A 28 -0.02 -9.95 -8.95
CA CYS A 28 0.22 -9.46 -10.30
C CYS A 28 1.12 -10.48 -11.02
N THR A 29 2.14 -10.92 -10.30
CA THR A 29 3.07 -11.89 -10.86
C THR A 29 3.73 -12.69 -9.74
N MET A 30 4.66 -13.56 -10.14
CA MET A 30 5.36 -14.40 -9.18
C MET A 30 6.59 -13.68 -8.64
N GLN A 31 6.34 -12.55 -7.99
CA GLN A 31 7.42 -11.75 -7.42
C GLN A 31 6.87 -10.80 -6.36
N CYS A 32 7.77 -10.27 -5.56
CA CYS A 32 7.39 -9.35 -4.50
C CYS A 32 7.70 -7.92 -4.98
N ARG A 33 7.40 -6.97 -4.11
CA ARG A 33 7.64 -5.57 -4.43
C ARG A 33 8.40 -4.89 -3.30
N ILE A 34 9.40 -4.12 -3.69
CA ILE A 34 10.22 -3.41 -2.71
C ILE A 34 9.85 -1.92 -2.73
N GLY A 35 9.43 -1.43 -1.58
CA GLY A 35 9.05 -0.04 -1.44
C GLY A 35 8.11 0.17 -0.25
N CYS A 36 7.75 1.42 -0.03
CA CYS A 36 6.86 1.76 1.08
C CYS A 36 5.42 1.46 0.64
N GLN A 37 4.62 1.04 1.62
CA GLN A 37 3.23 0.72 1.36
C GLN A 37 2.34 1.34 2.43
N CYS A 38 1.04 1.08 2.30
CA CYS A 38 0.08 1.60 3.26
C CYS A 38 -0.11 0.56 4.36
N GLN A 39 0.10 1.01 5.59
CA GLN A 39 -0.04 0.14 6.75
C GLN A 39 -1.44 -0.48 6.77
N GLU A 40 -1.58 -1.49 7.62
CA GLU A 40 -2.86 -2.18 7.75
C GLU A 40 -3.93 -1.23 8.29
N GLY A 41 -4.77 -0.77 7.39
CA GLY A 41 -5.84 0.15 7.76
C GLY A 41 -5.80 1.42 6.91
N PHE A 42 -4.86 1.43 5.98
CA PHE A 42 -4.71 2.57 5.07
C PHE A 42 -4.61 2.11 3.63
N LEU A 43 -5.02 3.01 2.73
CA LEU A 43 -4.98 2.72 1.31
C LEU A 43 -4.31 3.88 0.56
N ARG A 44 -3.49 3.52 -0.41
CA ARG A 44 -2.78 4.51 -1.20
C ARG A 44 -3.71 5.12 -2.25
N ASN A 45 -3.70 6.43 -2.31
CA ASN A 45 -4.54 7.15 -3.26
C ASN A 45 -3.70 7.54 -4.48
N GLY A 46 -4.36 7.63 -5.62
CA GLY A 46 -3.69 8.00 -6.85
C GLY A 46 -2.57 9.01 -6.58
N GLU A 47 -2.79 9.84 -5.57
CA GLU A 47 -1.81 10.84 -5.20
C GLU A 47 -0.73 10.23 -4.30
N GLY A 48 -0.41 8.97 -4.58
CA GLY A 48 0.60 8.27 -3.81
C GLY A 48 0.51 8.66 -2.33
N ALA A 49 -0.71 8.83 -1.86
CA ALA A 49 -0.93 9.20 -0.47
C ALA A 49 -1.67 8.07 0.23
N CYS A 50 -1.06 7.59 1.32
CA CYS A 50 -1.66 6.51 2.08
C CYS A 50 -2.73 7.10 2.99
N VAL A 51 -3.97 7.02 2.53
CA VAL A 51 -5.09 7.54 3.29
C VAL A 51 -6.04 6.38 3.65
N LEU A 52 -6.63 6.50 4.82
CA LEU A 52 -7.56 5.48 5.30
C LEU A 52 -8.60 5.21 4.21
N PRO A 53 -9.20 3.99 4.29
CA PRO A 53 -10.21 3.59 3.33
C PRO A 53 -11.55 4.30 3.60
N GLU A 54 -11.78 4.59 4.88
CA GLU A 54 -12.99 5.27 5.29
C GLU A 54 -12.93 6.75 4.91
N ASN A 55 -11.77 7.16 4.43
CA ASN A 55 -11.56 8.54 4.03
C ASN A 55 -11.41 8.62 2.52
N CYS A 56 -11.50 7.46 1.85
CA CYS A 56 -11.37 7.40 0.41
C CYS A 56 -12.43 8.27 -0.24
N GLU A 1 13.03 7.64 1.32
CA GLU A 1 13.43 6.46 2.06
C GLU A 1 13.03 6.61 3.53
N GLU A 2 11.73 6.64 3.76
CA GLU A 2 11.21 6.78 5.10
C GLU A 2 9.68 6.96 5.06
N CYS A 3 9.00 5.82 5.00
CA CYS A 3 7.54 5.83 4.97
C CYS A 3 7.04 6.91 5.92
N GLY A 4 5.84 7.39 5.66
CA GLY A 4 5.24 8.42 6.48
C GLY A 4 4.53 7.81 7.68
N PRO A 5 3.66 8.64 8.33
CA PRO A 5 2.91 8.19 9.49
C PRO A 5 1.76 7.26 9.08
N ASN A 6 1.68 6.13 9.77
CA ASN A 6 0.65 5.16 9.49
C ASN A 6 1.09 4.27 8.32
N GLU A 7 2.29 4.54 7.83
CA GLU A 7 2.83 3.79 6.72
C GLU A 7 3.98 2.89 7.20
N VAL A 8 4.27 1.88 6.40
CA VAL A 8 5.34 0.94 6.73
C VAL A 8 6.14 0.63 5.47
N PHE A 9 7.17 -0.20 5.65
CA PHE A 9 8.01 -0.59 4.55
C PHE A 9 8.08 -2.11 4.41
N ASN A 10 7.87 -2.57 3.19
CA ASN A 10 7.90 -4.00 2.91
C ASN A 10 8.91 -4.27 1.79
N THR A 11 9.90 -5.10 2.11
CA THR A 11 10.92 -5.45 1.15
C THR A 11 10.43 -6.58 0.24
N CYS A 12 9.30 -7.15 0.62
CA CYS A 12 8.72 -8.24 -0.15
C CYS A 12 7.23 -8.33 0.20
N GLY A 13 6.48 -7.39 -0.34
CA GLY A 13 5.04 -7.35 -0.10
C GLY A 13 4.26 -7.55 -1.39
N SER A 14 2.94 -7.69 -1.24
CA SER A 14 2.08 -7.88 -2.38
C SER A 14 2.55 -7.01 -3.55
N ALA A 15 3.14 -7.66 -4.54
CA ALA A 15 3.63 -6.95 -5.71
C ALA A 15 2.63 -5.88 -6.12
N CYS A 16 1.37 -6.16 -5.83
CA CYS A 16 0.29 -5.24 -6.17
C CYS A 16 -0.64 -5.13 -4.96
N ALA A 17 -0.06 -4.72 -3.83
CA ALA A 17 -0.84 -4.57 -2.61
C ALA A 17 -2.10 -3.76 -2.90
N PRO A 18 -3.03 -3.78 -1.91
CA PRO A 18 -4.28 -3.06 -2.05
C PRO A 18 -4.08 -1.56 -1.88
N THR A 19 -5.06 -0.80 -2.34
CA THR A 19 -5.00 0.64 -2.24
C THR A 19 -6.40 1.25 -2.29
N CYS A 20 -6.45 2.57 -2.36
CA CYS A 20 -7.72 3.28 -2.41
C CYS A 20 -8.48 2.80 -3.64
N ALA A 21 -7.74 2.25 -4.60
CA ALA A 21 -8.34 1.76 -5.82
C ALA A 21 -8.72 0.29 -5.64
N GLN A 22 -7.76 -0.49 -5.17
CA GLN A 22 -7.99 -1.91 -4.94
C GLN A 22 -7.88 -2.23 -3.45
N PRO A 23 -9.06 -2.20 -2.76
CA PRO A 23 -9.10 -2.49 -1.34
C PRO A 23 -8.94 -3.99 -1.08
N LYS A 24 -8.78 -4.74 -2.16
CA LYS A 24 -8.62 -6.17 -2.06
C LYS A 24 -7.35 -6.60 -2.81
N THR A 25 -6.38 -7.07 -2.04
CA THR A 25 -5.12 -7.51 -2.61
C THR A 25 -5.36 -8.22 -3.95
N ARG A 26 -4.36 -8.12 -4.81
CA ARG A 26 -4.45 -8.75 -6.13
C ARG A 26 -3.05 -8.92 -6.73
N ILE A 27 -2.50 -10.11 -6.53
CA ILE A 27 -1.17 -10.42 -7.04
C ILE A 27 -1.03 -9.82 -8.44
N CYS A 28 0.22 -9.65 -8.84
CA CYS A 28 0.51 -9.09 -10.15
C CYS A 28 1.37 -10.10 -10.93
N THR A 29 2.35 -10.66 -10.22
CA THR A 29 3.24 -11.62 -10.82
C THR A 29 3.96 -12.43 -9.74
N MET A 30 4.89 -13.27 -10.18
CA MET A 30 5.64 -14.10 -9.26
C MET A 30 6.85 -13.33 -8.70
N GLN A 31 6.58 -12.54 -7.68
CA GLN A 31 7.63 -11.75 -7.06
C GLN A 31 7.02 -10.78 -6.04
N CYS A 32 7.87 -10.30 -5.14
CA CYS A 32 7.44 -9.37 -4.11
C CYS A 32 7.70 -7.95 -4.61
N ARG A 33 7.28 -6.98 -3.80
CA ARG A 33 7.48 -5.58 -4.14
C ARG A 33 8.11 -4.83 -2.97
N ILE A 34 9.14 -4.05 -3.30
CA ILE A 34 9.83 -3.27 -2.29
C ILE A 34 9.34 -1.83 -2.33
N GLY A 35 8.80 -1.39 -1.20
CA GLY A 35 8.29 -0.04 -1.10
C GLY A 35 7.42 0.13 0.15
N CYS A 36 7.15 1.38 0.49
CA CYS A 36 6.35 1.68 1.66
C CYS A 36 4.88 1.38 1.33
N GLN A 37 4.20 0.78 2.29
CA GLN A 37 2.80 0.43 2.12
C GLN A 37 1.95 1.12 3.18
N CYS A 38 0.65 0.85 3.11
CA CYS A 38 -0.29 1.44 4.05
C CYS A 38 -0.55 0.42 5.16
N GLN A 39 -0.39 0.89 6.40
CA GLN A 39 -0.60 0.04 7.55
C GLN A 39 -2.06 -0.47 7.58
N GLU A 40 -2.32 -1.37 8.51
CA GLU A 40 -3.65 -1.93 8.65
C GLU A 40 -4.63 -0.86 9.11
N GLY A 41 -5.42 -0.38 8.16
CA GLY A 41 -6.41 0.65 8.45
C GLY A 41 -6.22 1.86 7.54
N PHE A 42 -5.21 1.77 6.69
CA PHE A 42 -4.92 2.85 5.76
C PHE A 42 -4.78 2.32 4.33
N LEU A 43 -5.08 3.19 3.37
CA LEU A 43 -4.99 2.82 1.97
C LEU A 43 -4.17 3.87 1.22
N ARG A 44 -3.50 3.42 0.17
CA ARG A 44 -2.67 4.30 -0.63
C ARG A 44 -3.52 4.99 -1.70
N ASN A 45 -3.34 6.30 -1.80
CA ASN A 45 -4.08 7.09 -2.77
C ASN A 45 -3.13 7.54 -3.89
N GLY A 46 -3.68 7.64 -5.08
CA GLY A 46 -2.90 8.06 -6.23
C GLY A 46 -1.89 9.13 -5.85
N GLU A 47 -2.23 9.88 -4.82
CA GLU A 47 -1.36 10.95 -4.34
C GLU A 47 -0.24 10.36 -3.47
N GLY A 48 0.16 9.15 -3.82
CA GLY A 48 1.22 8.47 -3.10
C GLY A 48 1.11 8.73 -1.59
N ALA A 49 -0.14 8.84 -1.14
CA ALA A 49 -0.40 9.10 0.28
C ALA A 49 -1.15 7.90 0.87
N CYS A 50 -1.08 7.81 2.19
CA CYS A 50 -1.75 6.73 2.89
C CYS A 50 -2.94 7.32 3.66
N VAL A 51 -4.11 7.19 3.05
CA VAL A 51 -5.33 7.71 3.67
C VAL A 51 -6.26 6.54 3.97
N LEU A 52 -6.97 6.67 5.09
CA LEU A 52 -7.90 5.63 5.51
C LEU A 52 -8.80 5.26 4.34
N PRO A 53 -9.36 4.02 4.40
CA PRO A 53 -10.24 3.53 3.36
C PRO A 53 -11.62 4.19 3.46
N GLU A 54 -11.99 4.54 4.69
CA GLU A 54 -13.27 5.17 4.93
C GLU A 54 -13.24 6.64 4.49
N ASN A 55 -12.04 7.08 4.12
CA ASN A 55 -11.85 8.45 3.68
C ASN A 55 -11.56 8.46 2.18
N CYS A 56 -11.50 7.27 1.57
CA CYS A 56 -11.22 7.15 0.16
C CYS A 56 -12.18 8.03 -0.63
N GLU A 1 13.43 7.01 5.04
CA GLU A 1 13.11 7.80 6.21
C GLU A 1 11.86 7.24 6.89
N GLU A 2 11.94 5.96 7.23
CA GLU A 2 10.84 5.30 7.89
C GLU A 2 9.51 5.66 7.20
N CYS A 3 9.54 5.63 5.88
CA CYS A 3 8.36 5.95 5.10
C CYS A 3 7.64 7.12 5.77
N GLY A 4 6.37 7.26 5.46
CA GLY A 4 5.56 8.33 6.02
C GLY A 4 4.78 7.84 7.23
N PRO A 5 3.89 8.74 7.74
CA PRO A 5 3.07 8.42 8.90
C PRO A 5 1.94 7.46 8.52
N ASN A 6 1.87 6.35 9.25
CA ASN A 6 0.84 5.36 8.99
C ASN A 6 1.30 4.44 7.85
N GLU A 7 2.51 4.69 7.38
CA GLU A 7 3.06 3.90 6.29
C GLU A 7 4.17 2.98 6.83
N VAL A 8 4.50 1.99 6.01
CA VAL A 8 5.52 1.03 6.38
C VAL A 8 6.35 0.66 5.14
N PHE A 9 7.36 -0.16 5.37
CA PHE A 9 8.22 -0.60 4.28
C PHE A 9 8.36 -2.12 4.26
N ASN A 10 8.28 -2.68 3.07
CA ASN A 10 8.39 -4.12 2.90
C ASN A 10 9.31 -4.43 1.71
N THR A 11 10.25 -5.33 1.94
CA THR A 11 11.18 -5.70 0.90
C THR A 11 10.55 -6.76 -0.02
N CYS A 12 9.45 -7.33 0.44
CA CYS A 12 8.75 -8.33 -0.32
C CYS A 12 7.25 -8.22 -0.01
N GLY A 13 6.62 -7.25 -0.66
CA GLY A 13 5.21 -7.02 -0.47
C GLY A 13 4.42 -7.32 -1.76
N SER A 14 3.11 -7.34 -1.62
CA SER A 14 2.24 -7.61 -2.75
C SER A 14 2.61 -6.70 -3.92
N ALA A 15 3.22 -7.30 -4.94
CA ALA A 15 3.64 -6.55 -6.11
C ALA A 15 2.53 -5.57 -6.49
N CYS A 16 1.30 -5.96 -6.21
CA CYS A 16 0.16 -5.11 -6.51
C CYS A 16 -0.75 -5.07 -5.28
N ALA A 17 -0.17 -4.62 -4.17
CA ALA A 17 -0.91 -4.52 -2.92
C ALA A 17 -2.21 -3.75 -3.16
N PRO A 18 -3.11 -3.80 -2.15
CA PRO A 18 -4.38 -3.12 -2.23
C PRO A 18 -4.21 -1.61 -2.06
N THR A 19 -5.19 -0.87 -2.54
CA THR A 19 -5.17 0.58 -2.45
C THR A 19 -6.58 1.14 -2.40
N CYS A 20 -6.68 2.45 -2.60
CA CYS A 20 -7.97 3.12 -2.58
C CYS A 20 -8.78 2.62 -3.78
N ALA A 21 -8.08 2.09 -4.75
CA ALA A 21 -8.72 1.57 -5.96
C ALA A 21 -9.06 0.10 -5.74
N GLN A 22 -8.05 -0.66 -5.33
CA GLN A 22 -8.23 -2.08 -5.09
C GLN A 22 -8.02 -2.41 -3.61
N PRO A 23 -9.15 -2.41 -2.86
CA PRO A 23 -9.10 -2.71 -1.43
C PRO A 23 -8.88 -4.20 -1.19
N LYS A 24 -8.75 -4.94 -2.29
CA LYS A 24 -8.53 -6.37 -2.20
C LYS A 24 -7.28 -6.74 -3.00
N THR A 25 -6.29 -7.26 -2.28
CA THR A 25 -5.04 -7.66 -2.89
C THR A 25 -5.29 -8.25 -4.28
N ARG A 26 -4.28 -8.14 -5.13
CA ARG A 26 -4.38 -8.65 -6.48
C ARG A 26 -2.99 -8.82 -7.10
N ILE A 27 -2.44 -10.00 -6.93
CA ILE A 27 -1.10 -10.30 -7.46
C ILE A 27 -0.97 -9.68 -8.85
N CYS A 28 0.27 -9.53 -9.28
CA CYS A 28 0.54 -8.96 -10.59
C CYS A 28 1.49 -9.90 -11.33
N THR A 29 2.52 -10.35 -10.61
CA THR A 29 3.51 -11.25 -11.19
C THR A 29 4.25 -12.00 -10.08
N MET A 30 4.91 -13.07 -10.49
CA MET A 30 5.67 -13.88 -9.55
C MET A 30 6.90 -13.13 -9.05
N GLN A 31 6.72 -12.40 -7.96
CA GLN A 31 7.81 -11.63 -7.38
C GLN A 31 7.25 -10.56 -6.44
N CYS A 32 7.87 -10.47 -5.27
CA CYS A 32 7.45 -9.49 -4.27
C CYS A 32 7.81 -8.10 -4.80
N ARG A 33 7.47 -7.09 -3.99
CA ARG A 33 7.74 -5.72 -4.36
C ARG A 33 8.39 -4.98 -3.19
N ILE A 34 9.47 -4.28 -3.50
CA ILE A 34 10.19 -3.52 -2.48
C ILE A 34 9.75 -2.06 -2.53
N GLY A 35 9.18 -1.62 -1.42
CA GLY A 35 8.70 -0.24 -1.33
C GLY A 35 7.84 -0.05 -0.08
N CYS A 36 7.44 1.20 0.14
CA CYS A 36 6.63 1.53 1.29
C CYS A 36 5.16 1.28 0.93
N GLN A 37 4.42 0.77 1.90
CA GLN A 37 3.01 0.48 1.70
C GLN A 37 2.16 1.17 2.77
N CYS A 38 0.87 0.88 2.73
CA CYS A 38 -0.05 1.47 3.69
C CYS A 38 -0.24 0.48 4.85
N GLN A 39 -0.14 1.01 6.06
CA GLN A 39 -0.30 0.18 7.25
C GLN A 39 -1.73 -0.34 7.34
N GLU A 40 -1.93 -1.29 8.24
CA GLU A 40 -3.24 -1.88 8.44
C GLU A 40 -4.23 -0.82 8.92
N GLY A 41 -5.06 -0.37 7.99
CA GLY A 41 -6.06 0.64 8.31
C GLY A 41 -5.93 1.85 7.37
N PHE A 42 -4.98 1.74 6.46
CA PHE A 42 -4.75 2.81 5.50
C PHE A 42 -4.66 2.27 4.07
N LEU A 43 -5.00 3.13 3.13
CA LEU A 43 -4.97 2.75 1.73
C LEU A 43 -4.19 3.80 0.93
N ARG A 44 -3.53 3.34 -0.12
CA ARG A 44 -2.74 4.22 -0.96
C ARG A 44 -3.64 4.90 -1.99
N ASN A 45 -3.43 6.20 -2.14
CA ASN A 45 -4.21 6.98 -3.10
C ASN A 45 -3.30 7.42 -4.25
N GLY A 46 -3.89 7.50 -5.43
CA GLY A 46 -3.16 7.91 -6.61
C GLY A 46 -2.12 8.98 -6.27
N GLU A 47 -2.44 9.75 -5.25
CA GLU A 47 -1.55 10.81 -4.80
C GLU A 47 -0.41 10.24 -3.96
N GLY A 48 -0.01 9.03 -4.32
CA GLY A 48 1.07 8.35 -3.61
C GLY A 48 1.00 8.63 -2.11
N ALA A 49 -0.23 8.77 -1.62
CA ALA A 49 -0.45 9.04 -0.21
C ALA A 49 -1.17 7.85 0.42
N CYS A 50 -1.09 7.79 1.74
CA CYS A 50 -1.74 6.71 2.48
C CYS A 50 -2.91 7.31 3.26
N VAL A 51 -4.10 7.15 2.69
CA VAL A 51 -5.31 7.67 3.32
C VAL A 51 -6.20 6.49 3.73
N LEU A 52 -6.85 6.65 4.87
CA LEU A 52 -7.74 5.61 5.38
C LEU A 52 -8.71 5.20 4.28
N PRO A 53 -9.25 3.95 4.42
CA PRO A 53 -10.19 3.43 3.45
C PRO A 53 -11.56 4.07 3.61
N GLU A 54 -11.86 4.45 4.85
CA GLU A 54 -13.13 5.08 5.16
C GLU A 54 -13.14 6.52 4.67
N ASN A 55 -11.98 6.97 4.21
CA ASN A 55 -11.84 8.33 3.72
C ASN A 55 -11.63 8.30 2.20
N CYS A 56 -11.63 7.10 1.62
CA CYS A 56 -11.44 6.93 0.19
C CYS A 56 -12.43 7.82 -0.55
N GLU A 1 12.29 3.41 4.04
CA GLU A 1 12.19 3.26 5.48
C GLU A 1 11.51 4.47 6.10
N GLU A 2 11.22 4.37 7.38
CA GLU A 2 10.57 5.45 8.10
C GLU A 2 9.53 6.12 7.20
N CYS A 3 8.83 5.30 6.44
CA CYS A 3 7.80 5.81 5.54
C CYS A 3 6.95 6.83 6.30
N GLY A 4 6.12 7.53 5.54
CA GLY A 4 5.24 8.53 6.13
C GLY A 4 4.42 7.94 7.28
N PRO A 5 3.42 8.74 7.75
CA PRO A 5 2.57 8.31 8.83
C PRO A 5 1.55 7.27 8.35
N ASN A 6 1.54 6.14 9.03
CA ASN A 6 0.62 5.06 8.69
C ASN A 6 1.22 4.25 7.53
N GLU A 7 2.41 4.65 7.13
CA GLU A 7 3.10 3.96 6.05
C GLU A 7 4.20 3.05 6.60
N VAL A 8 4.56 2.05 5.80
CA VAL A 8 5.59 1.11 6.20
C VAL A 8 6.39 0.68 4.97
N PHE A 9 7.67 0.43 5.18
CA PHE A 9 8.54 0.01 4.09
C PHE A 9 8.61 -1.52 4.01
N ASN A 10 8.29 -2.03 2.83
CA ASN A 10 8.30 -3.47 2.62
C ASN A 10 9.28 -3.79 1.47
N THR A 11 10.28 -4.61 1.81
CA THR A 11 11.27 -5.00 0.83
C THR A 11 10.70 -6.04 -0.13
N CYS A 12 9.64 -6.69 0.32
CA CYS A 12 8.98 -7.71 -0.49
C CYS A 12 7.49 -7.66 -0.21
N GLY A 13 6.82 -6.69 -0.84
CA GLY A 13 5.39 -6.53 -0.67
C GLY A 13 4.64 -6.93 -1.95
N SER A 14 3.32 -6.93 -1.84
CA SER A 14 2.48 -7.29 -2.97
C SER A 14 2.75 -6.33 -4.14
N ALA A 15 3.45 -6.84 -5.13
CA ALA A 15 3.78 -6.06 -6.31
C ALA A 15 2.56 -5.22 -6.70
N CYS A 16 1.39 -5.76 -6.41
CA CYS A 16 0.14 -5.09 -6.73
C CYS A 16 -0.74 -5.10 -5.49
N ALA A 17 -0.22 -4.53 -4.41
CA ALA A 17 -0.95 -4.47 -3.16
C ALA A 17 -2.23 -3.66 -3.36
N PRO A 18 -3.12 -3.71 -2.33
CA PRO A 18 -4.38 -2.99 -2.38
C PRO A 18 -4.16 -1.49 -2.16
N THR A 19 -5.16 -0.72 -2.56
CA THR A 19 -5.08 0.73 -2.41
C THR A 19 -6.49 1.33 -2.43
N CYS A 20 -6.52 2.65 -2.37
CA CYS A 20 -7.80 3.37 -2.38
C CYS A 20 -8.58 2.93 -3.61
N ALA A 21 -7.84 2.55 -4.64
CA ALA A 21 -8.46 2.11 -5.88
C ALA A 21 -8.86 0.64 -5.75
N GLN A 22 -7.92 -0.17 -5.31
CA GLN A 22 -8.16 -1.59 -5.13
C GLN A 22 -8.05 -1.96 -3.65
N PRO A 23 -9.22 -1.91 -2.95
CA PRO A 23 -9.27 -2.23 -1.54
C PRO A 23 -9.18 -3.75 -1.33
N LYS A 24 -9.06 -4.46 -2.44
CA LYS A 24 -8.97 -5.91 -2.40
C LYS A 24 -7.68 -6.36 -3.08
N THR A 25 -6.80 -6.93 -2.28
CA THR A 25 -5.51 -7.40 -2.80
C THR A 25 -5.72 -8.10 -4.14
N ARG A 26 -4.67 -8.09 -4.94
CA ARG A 26 -4.70 -8.70 -6.25
C ARG A 26 -3.29 -8.87 -6.81
N ILE A 27 -2.67 -9.97 -6.45
CA ILE A 27 -1.32 -10.26 -6.91
C ILE A 27 -1.21 -9.93 -8.41
N CYS A 28 0.02 -9.72 -8.85
CA CYS A 28 0.27 -9.41 -10.24
C CYS A 28 1.05 -10.57 -10.87
N THR A 29 1.94 -11.14 -10.07
CA THR A 29 2.76 -12.26 -10.53
C THR A 29 3.60 -12.80 -9.38
N MET A 30 4.64 -13.55 -9.75
CA MET A 30 5.54 -14.13 -8.77
C MET A 30 6.72 -13.20 -8.50
N GLN A 31 6.56 -12.37 -7.49
CA GLN A 31 7.61 -11.43 -7.12
C GLN A 31 7.09 -10.45 -6.07
N CYS A 32 8.03 -9.71 -5.49
CA CYS A 32 7.68 -8.74 -4.46
C CYS A 32 8.11 -7.35 -4.96
N ARG A 33 7.71 -6.34 -4.21
CA ARG A 33 8.04 -4.97 -4.56
C ARG A 33 8.62 -4.23 -3.34
N ILE A 34 9.75 -3.59 -3.57
CA ILE A 34 10.42 -2.85 -2.51
C ILE A 34 9.99 -1.38 -2.57
N GLY A 35 9.38 -0.94 -1.48
CA GLY A 35 8.91 0.43 -1.39
C GLY A 35 7.93 0.61 -0.22
N CYS A 36 7.65 1.87 0.09
CA CYS A 36 6.74 2.19 1.18
C CYS A 36 5.32 1.81 0.74
N GLN A 37 4.53 1.37 1.71
CA GLN A 37 3.16 0.98 1.44
C GLN A 37 2.24 1.51 2.55
N CYS A 38 0.97 1.15 2.42
CA CYS A 38 -0.03 1.58 3.39
C CYS A 38 -0.21 0.46 4.42
N GLN A 39 -0.12 0.84 5.69
CA GLN A 39 -0.27 -0.11 6.77
C GLN A 39 -1.71 -0.62 6.83
N GLU A 40 -1.92 -1.61 7.68
CA GLU A 40 -3.25 -2.19 7.85
C GLU A 40 -4.21 -1.16 8.43
N GLY A 41 -5.07 -0.64 7.56
CA GLY A 41 -6.05 0.35 7.98
C GLY A 41 -5.95 1.61 7.10
N PHE A 42 -4.99 1.58 6.19
CA PHE A 42 -4.79 2.70 5.30
C PHE A 42 -4.73 2.24 3.83
N LEU A 43 -5.09 3.15 2.95
CA LEU A 43 -5.09 2.85 1.52
C LEU A 43 -4.30 3.94 0.78
N ARG A 44 -3.65 3.52 -0.30
CA ARG A 44 -2.87 4.44 -1.10
C ARG A 44 -3.77 5.15 -2.12
N ASN A 45 -3.62 6.46 -2.19
CA ASN A 45 -4.40 7.25 -3.12
C ASN A 45 -3.50 7.74 -4.25
N GLY A 46 -4.09 7.84 -5.44
CA GLY A 46 -3.36 8.28 -6.61
C GLY A 46 -2.32 9.35 -6.24
N GLU A 47 -2.64 10.10 -5.18
CA GLU A 47 -1.75 11.15 -4.72
C GLU A 47 -0.61 10.55 -3.89
N GLY A 48 -0.22 9.34 -4.27
CA GLY A 48 0.85 8.65 -3.59
C GLY A 48 0.78 8.90 -2.08
N ALA A 49 -0.44 9.01 -1.59
CA ALA A 49 -0.66 9.24 -0.17
C ALA A 49 -1.36 8.03 0.44
N CYS A 50 -1.22 7.90 1.75
CA CYS A 50 -1.83 6.80 2.46
C CYS A 50 -3.00 7.34 3.29
N VAL A 51 -4.19 7.19 2.73
CA VAL A 51 -5.39 7.66 3.40
C VAL A 51 -6.28 6.47 3.73
N LEU A 52 -6.91 6.55 4.90
CA LEU A 52 -7.79 5.49 5.35
C LEU A 52 -8.78 5.14 4.23
N PRO A 53 -9.31 3.90 4.31
CA PRO A 53 -10.27 3.43 3.31
C PRO A 53 -11.64 4.07 3.53
N GLU A 54 -11.92 4.39 4.79
CA GLU A 54 -13.19 5.00 5.14
C GLU A 54 -13.20 6.48 4.73
N ASN A 55 -12.04 6.93 4.30
CA ASN A 55 -11.90 8.32 3.88
C ASN A 55 -11.71 8.37 2.36
N CYS A 56 -11.71 7.20 1.72
CA CYS A 56 -11.54 7.11 0.28
C CYS A 56 -12.66 7.88 -0.41
N GLU A 1 13.19 6.85 4.13
CA GLU A 1 13.01 7.73 5.28
C GLU A 1 11.84 7.24 6.12
N GLU A 2 12.00 6.05 6.68
CA GLU A 2 10.97 5.46 7.51
C GLU A 2 9.60 5.73 6.92
N CYS A 3 9.52 5.62 5.59
CA CYS A 3 8.26 5.85 4.90
C CYS A 3 7.56 7.04 5.55
N GLY A 4 6.26 7.12 5.33
CA GLY A 4 5.47 8.20 5.89
C GLY A 4 4.67 7.72 7.09
N PRO A 5 3.76 8.62 7.57
CA PRO A 5 2.93 8.30 8.72
C PRO A 5 1.82 7.32 8.34
N ASN A 6 1.74 6.25 9.11
CA ASN A 6 0.73 5.22 8.86
C ASN A 6 1.21 4.30 7.74
N GLU A 7 2.41 4.57 7.26
CA GLU A 7 2.99 3.77 6.19
C GLU A 7 4.08 2.85 6.75
N VAL A 8 4.38 1.81 5.99
CA VAL A 8 5.39 0.85 6.39
C VAL A 8 6.24 0.46 5.16
N PHE A 9 7.23 -0.37 5.42
CA PHE A 9 8.12 -0.82 4.36
C PHE A 9 8.24 -2.35 4.37
N ASN A 10 8.14 -2.93 3.18
CA ASN A 10 8.24 -4.37 3.05
C ASN A 10 9.17 -4.70 1.88
N THR A 11 10.07 -5.63 2.12
CA THR A 11 11.02 -6.05 1.10
C THR A 11 10.41 -7.14 0.21
N CYS A 12 9.17 -7.50 0.54
CA CYS A 12 8.47 -8.52 -0.21
C CYS A 12 6.98 -8.39 0.09
N GLY A 13 6.36 -7.41 -0.56
CA GLY A 13 4.94 -7.17 -0.38
C GLY A 13 4.18 -7.31 -1.70
N SER A 14 2.87 -7.39 -1.59
CA SER A 14 2.02 -7.53 -2.76
C SER A 14 2.34 -6.42 -3.77
N ALA A 15 3.01 -6.83 -4.85
CA ALA A 15 3.38 -5.88 -5.89
C ALA A 15 2.15 -5.11 -6.34
N CYS A 16 1.00 -5.79 -6.27
CA CYS A 16 -0.26 -5.17 -6.66
C CYS A 16 -1.16 -5.09 -5.42
N ALA A 17 -0.55 -4.72 -4.31
CA ALA A 17 -1.27 -4.60 -3.06
C ALA A 17 -2.56 -3.80 -3.31
N PRO A 18 -3.43 -3.78 -2.26
CA PRO A 18 -4.68 -3.06 -2.35
C PRO A 18 -4.46 -1.55 -2.24
N THR A 19 -5.48 -0.80 -2.63
CA THR A 19 -5.42 0.65 -2.58
C THR A 19 -6.82 1.25 -2.49
N CYS A 20 -6.87 2.57 -2.58
CA CYS A 20 -8.14 3.28 -2.51
C CYS A 20 -8.94 2.94 -3.77
N ALA A 21 -8.22 2.54 -4.81
CA ALA A 21 -8.86 2.18 -6.07
C ALA A 21 -9.33 0.73 -5.99
N GLN A 22 -8.49 -0.11 -5.39
CA GLN A 22 -8.82 -1.52 -5.25
C GLN A 22 -8.64 -1.97 -3.79
N PRO A 23 -9.76 -1.88 -3.03
CA PRO A 23 -9.74 -2.27 -1.63
C PRO A 23 -9.72 -3.80 -1.48
N LYS A 24 -8.66 -4.38 -2.03
CA LYS A 24 -8.50 -5.83 -1.97
C LYS A 24 -7.22 -6.22 -2.69
N THR A 25 -6.55 -7.22 -2.15
CA THR A 25 -5.31 -7.71 -2.73
C THR A 25 -5.57 -8.34 -4.10
N ARG A 26 -4.51 -8.49 -4.87
CA ARG A 26 -4.61 -9.07 -6.19
C ARG A 26 -3.22 -9.24 -6.82
N ILE A 27 -2.55 -10.30 -6.41
CA ILE A 27 -1.22 -10.59 -6.92
C ILE A 27 -1.15 -10.24 -8.40
N CYS A 28 0.05 -10.01 -8.88
CA CYS A 28 0.25 -9.67 -10.29
C CYS A 28 1.21 -10.70 -10.89
N THR A 29 2.26 -11.01 -10.13
CA THR A 29 3.24 -11.97 -10.59
C THR A 29 3.88 -12.68 -9.38
N MET A 30 4.58 -13.77 -9.68
CA MET A 30 5.24 -14.54 -8.65
C MET A 30 6.52 -13.83 -8.17
N GLN A 31 6.35 -12.58 -7.75
CA GLN A 31 7.46 -11.80 -7.27
C GLN A 31 6.97 -10.69 -6.33
N CYS A 32 7.53 -10.68 -5.13
CA CYS A 32 7.15 -9.68 -4.14
C CYS A 32 7.57 -8.30 -4.67
N ARG A 33 7.27 -7.29 -3.88
CA ARG A 33 7.61 -5.92 -4.25
C ARG A 33 8.27 -5.20 -3.07
N ILE A 34 9.41 -4.59 -3.36
CA ILE A 34 10.15 -3.86 -2.35
C ILE A 34 9.76 -2.38 -2.39
N GLY A 35 9.21 -1.91 -1.29
CA GLY A 35 8.79 -0.52 -1.20
C GLY A 35 7.88 -0.31 0.02
N CYS A 36 7.49 0.95 0.21
CA CYS A 36 6.62 1.30 1.32
C CYS A 36 5.17 1.03 0.91
N GLN A 37 4.37 0.66 1.90
CA GLN A 37 2.97 0.38 1.65
C GLN A 37 2.10 1.04 2.71
N CYS A 38 0.80 0.80 2.60
CA CYS A 38 -0.15 1.36 3.55
C CYS A 38 -0.37 0.36 4.67
N GLN A 39 -0.22 0.85 5.90
CA GLN A 39 -0.40 0.00 7.07
C GLN A 39 -1.84 -0.50 7.14
N GLU A 40 -2.06 -1.45 8.04
CA GLU A 40 -3.38 -2.02 8.22
C GLU A 40 -4.36 -0.96 8.72
N GLY A 41 -5.19 -0.48 7.80
CA GLY A 41 -6.17 0.54 8.13
C GLY A 41 -6.02 1.76 7.21
N PHE A 42 -5.08 1.65 6.29
CA PHE A 42 -4.83 2.74 5.35
C PHE A 42 -4.75 2.21 3.92
N LEU A 43 -5.05 3.10 2.97
CA LEU A 43 -5.01 2.74 1.57
C LEU A 43 -4.21 3.78 0.80
N ARG A 44 -3.62 3.34 -0.31
CA ARG A 44 -2.82 4.23 -1.14
C ARG A 44 -3.72 4.98 -2.12
N ASN A 45 -3.44 6.27 -2.25
CA ASN A 45 -4.21 7.12 -3.15
C ASN A 45 -3.33 7.56 -4.32
N GLY A 46 -3.95 7.70 -5.47
CA GLY A 46 -3.24 8.12 -6.67
C GLY A 46 -2.14 9.13 -6.32
N GLU A 47 -2.39 9.88 -5.26
CA GLU A 47 -1.42 10.89 -4.82
C GLU A 47 -0.28 10.23 -4.04
N GLY A 48 0.04 9.01 -4.45
CA GLY A 48 1.11 8.27 -3.81
C GLY A 48 1.11 8.50 -2.30
N ALA A 49 -0.10 8.66 -1.76
CA ALA A 49 -0.25 8.89 -0.33
C ALA A 49 -1.03 7.72 0.29
N CYS A 50 -0.94 7.65 1.61
CA CYS A 50 -1.63 6.58 2.33
C CYS A 50 -2.76 7.22 3.15
N VAL A 51 -3.97 7.10 2.62
CA VAL A 51 -5.14 7.66 3.29
C VAL A 51 -6.09 6.52 3.68
N LEU A 52 -6.73 6.69 4.83
CA LEU A 52 -7.65 5.70 5.32
C LEU A 52 -8.67 5.36 4.23
N PRO A 53 -9.25 4.13 4.34
CA PRO A 53 -10.22 3.68 3.37
C PRO A 53 -11.57 4.38 3.57
N GLU A 54 -11.83 4.73 4.83
CA GLU A 54 -13.08 5.41 5.17
C GLU A 54 -13.03 6.88 4.73
N ASN A 55 -11.85 7.28 4.26
CA ASN A 55 -11.66 8.64 3.80
C ASN A 55 -11.47 8.65 2.28
N CYS A 56 -11.50 7.46 1.68
CA CYS A 56 -11.34 7.32 0.24
C CYS A 56 -12.17 8.38 -0.47
N GLU A 1 9.12 3.36 10.62
CA GLU A 1 10.09 3.27 9.55
C GLU A 1 10.42 4.66 9.02
N GLU A 2 11.05 4.67 7.85
CA GLU A 2 11.43 5.93 7.23
C GLU A 2 10.49 6.25 6.06
N CYS A 3 9.22 5.95 6.28
CA CYS A 3 8.21 6.20 5.26
C CYS A 3 7.21 7.22 5.81
N GLY A 4 6.36 7.71 4.91
CA GLY A 4 5.35 8.68 5.29
C GLY A 4 4.60 8.24 6.55
N PRO A 5 3.66 9.11 6.99
CA PRO A 5 2.87 8.81 8.17
C PRO A 5 1.79 7.76 7.87
N ASN A 6 1.79 6.72 8.67
CA ASN A 6 0.83 5.64 8.50
C ASN A 6 1.33 4.68 7.41
N GLU A 7 2.53 4.96 6.92
CA GLU A 7 3.13 4.13 5.89
C GLU A 7 4.28 3.30 6.48
N VAL A 8 4.65 2.26 5.75
CA VAL A 8 5.72 1.39 6.18
C VAL A 8 6.55 0.97 4.97
N PHE A 9 7.61 0.21 5.25
CA PHE A 9 8.49 -0.25 4.20
C PHE A 9 8.61 -1.78 4.21
N ASN A 10 8.47 -2.38 3.04
CA ASN A 10 8.56 -3.82 2.91
C ASN A 10 9.50 -4.16 1.75
N THR A 11 10.41 -5.08 2.03
CA THR A 11 11.38 -5.51 1.02
C THR A 11 10.75 -6.55 0.10
N CYS A 12 9.59 -7.05 0.52
CA CYS A 12 8.88 -8.05 -0.26
C CYS A 12 7.38 -7.86 -0.03
N GLY A 13 6.85 -6.81 -0.65
CA GLY A 13 5.44 -6.50 -0.52
C GLY A 13 4.70 -6.82 -1.82
N SER A 14 3.40 -6.54 -1.80
CA SER A 14 2.56 -6.78 -2.97
C SER A 14 2.80 -5.69 -4.01
N ALA A 15 3.34 -6.10 -5.15
CA ALA A 15 3.61 -5.17 -6.24
C ALA A 15 2.32 -4.48 -6.64
N CYS A 16 1.21 -5.16 -6.40
CA CYS A 16 -0.09 -4.63 -6.74
C CYS A 16 -0.92 -4.52 -5.46
N ALA A 17 -0.24 -4.08 -4.40
CA ALA A 17 -0.89 -3.94 -3.11
C ALA A 17 -2.25 -3.25 -3.31
N PRO A 18 -3.07 -3.27 -2.22
CA PRO A 18 -4.38 -2.64 -2.27
C PRO A 18 -4.27 -1.12 -2.19
N THR A 19 -5.34 -0.46 -2.62
CA THR A 19 -5.38 0.99 -2.60
C THR A 19 -6.81 1.49 -2.48
N CYS A 20 -6.96 2.81 -2.46
CA CYS A 20 -8.26 3.42 -2.34
C CYS A 20 -9.15 2.89 -3.46
N ALA A 21 -8.51 2.37 -4.50
CA ALA A 21 -9.21 1.82 -5.64
C ALA A 21 -9.44 0.32 -5.43
N GLN A 22 -8.37 -0.35 -5.05
CA GLN A 22 -8.43 -1.78 -4.80
C GLN A 22 -8.14 -2.09 -3.33
N PRO A 23 -9.22 -2.08 -2.51
CA PRO A 23 -9.09 -2.35 -1.09
C PRO A 23 -8.87 -3.85 -0.83
N LYS A 24 -8.82 -4.60 -1.93
CA LYS A 24 -8.61 -6.04 -1.84
C LYS A 24 -7.34 -6.41 -2.60
N THR A 25 -6.35 -6.88 -1.85
CA THR A 25 -5.09 -7.28 -2.43
C THR A 25 -5.32 -8.06 -3.73
N ARG A 26 -4.27 -8.15 -4.53
CA ARG A 26 -4.35 -8.86 -5.79
C ARG A 26 -2.95 -8.99 -6.41
N ILE A 27 -2.37 -10.16 -6.22
CA ILE A 27 -1.04 -10.42 -6.75
C ILE A 27 -0.99 -9.98 -8.22
N CYS A 28 0.21 -9.59 -8.64
CA CYS A 28 0.41 -9.14 -10.01
C CYS A 28 1.37 -10.10 -10.69
N THR A 29 2.34 -10.58 -9.92
CA THR A 29 3.31 -11.51 -10.44
C THR A 29 3.92 -12.35 -9.31
N MET A 30 4.83 -13.23 -9.68
CA MET A 30 5.49 -14.09 -8.71
C MET A 30 6.73 -13.41 -8.14
N GLN A 31 6.60 -12.12 -7.87
CA GLN A 31 7.70 -11.35 -7.31
C GLN A 31 7.17 -10.30 -6.33
N CYS A 32 7.93 -10.12 -5.26
CA CYS A 32 7.55 -9.14 -4.24
C CYS A 32 7.87 -7.74 -4.77
N ARG A 33 7.63 -6.75 -3.93
CA ARG A 33 7.89 -5.37 -4.29
C ARG A 33 8.59 -4.64 -3.15
N ILE A 34 9.77 -4.10 -3.46
CA ILE A 34 10.54 -3.38 -2.47
C ILE A 34 10.18 -1.89 -2.52
N GLY A 35 9.61 -1.41 -1.42
CA GLY A 35 9.20 -0.03 -1.34
C GLY A 35 8.26 0.20 -0.16
N CYS A 36 7.87 1.46 0.02
CA CYS A 36 6.97 1.82 1.10
C CYS A 36 5.54 1.51 0.66
N GLN A 37 4.71 1.19 1.64
CA GLN A 37 3.31 0.88 1.35
C GLN A 37 2.41 1.50 2.43
N CYS A 38 1.12 1.23 2.29
CA CYS A 38 0.14 1.74 3.22
C CYS A 38 -0.04 0.72 4.35
N GLN A 39 0.19 1.19 5.57
CA GLN A 39 0.06 0.33 6.73
C GLN A 39 -1.29 -0.41 6.70
N GLU A 40 -1.39 -1.41 7.55
CA GLU A 40 -2.61 -2.21 7.64
C GLU A 40 -3.75 -1.36 8.18
N GLY A 41 -4.60 -0.92 7.27
CA GLY A 41 -5.74 -0.10 7.63
C GLY A 41 -5.79 1.20 6.81
N PHE A 42 -4.82 1.32 5.92
CA PHE A 42 -4.73 2.49 5.06
C PHE A 42 -4.68 2.10 3.59
N LEU A 43 -5.12 3.02 2.75
CA LEU A 43 -5.14 2.79 1.32
C LEU A 43 -4.48 3.97 0.61
N ARG A 44 -3.67 3.64 -0.40
CA ARG A 44 -2.98 4.65 -1.17
C ARG A 44 -3.92 5.30 -2.18
N ASN A 45 -3.95 6.62 -2.16
CA ASN A 45 -4.81 7.37 -3.06
C ASN A 45 -4.00 7.79 -4.29
N GLY A 46 -4.70 7.93 -5.40
CA GLY A 46 -4.06 8.32 -6.65
C GLY A 46 -2.91 9.31 -6.39
N GLU A 47 -3.08 10.10 -5.34
CA GLU A 47 -2.07 11.08 -4.97
C GLU A 47 -0.98 10.43 -4.12
N GLY A 48 -0.71 9.18 -4.44
CA GLY A 48 0.32 8.42 -3.72
C GLY A 48 0.28 8.77 -2.22
N ALA A 49 -0.93 8.93 -1.72
CA ALA A 49 -1.10 9.26 -0.31
C ALA A 49 -1.83 8.11 0.39
N CYS A 50 -1.18 7.57 1.41
CA CYS A 50 -1.75 6.47 2.17
C CYS A 50 -2.79 7.04 3.13
N VAL A 51 -4.04 7.00 2.69
CA VAL A 51 -5.14 7.50 3.51
C VAL A 51 -6.09 6.35 3.83
N LEU A 52 -6.65 6.42 5.03
CA LEU A 52 -7.59 5.40 5.47
C LEU A 52 -8.67 5.21 4.43
N PRO A 53 -9.31 4.01 4.45
CA PRO A 53 -10.38 3.70 3.51
C PRO A 53 -11.66 4.43 3.88
N GLU A 54 -11.83 4.66 5.18
CA GLU A 54 -13.00 5.35 5.67
C GLU A 54 -12.92 6.85 5.37
N ASN A 55 -11.77 7.24 4.86
CA ASN A 55 -11.54 8.65 4.53
C ASN A 55 -11.44 8.79 3.01
N CYS A 56 -11.59 7.68 2.29
CA CYS A 56 -11.53 7.67 0.84
C CYS A 56 -12.62 8.57 0.28
N GLU A 1 12.26 2.07 9.44
CA GLU A 1 11.36 2.56 8.42
C GLU A 1 11.67 4.01 8.10
N GLU A 2 11.16 4.45 6.96
CA GLU A 2 11.39 5.82 6.53
C GLU A 2 10.33 6.24 5.50
N CYS A 3 9.08 5.93 5.82
CA CYS A 3 7.98 6.26 4.93
C CYS A 3 7.14 7.36 5.59
N GLY A 4 6.13 7.80 4.87
CA GLY A 4 5.25 8.84 5.37
C GLY A 4 4.55 8.41 6.66
N PRO A 5 3.63 9.27 7.15
CA PRO A 5 2.89 8.99 8.36
C PRO A 5 1.81 7.92 8.12
N ASN A 6 1.88 6.88 8.93
CA ASN A 6 0.93 5.79 8.83
C ASN A 6 1.37 4.83 7.72
N GLU A 7 2.54 5.14 7.15
CA GLU A 7 3.09 4.32 6.09
C GLU A 7 4.24 3.45 6.63
N VAL A 8 4.59 2.44 5.85
CA VAL A 8 5.67 1.54 6.23
C VAL A 8 6.45 1.13 4.98
N PHE A 9 7.47 0.32 5.21
CA PHE A 9 8.31 -0.16 4.11
C PHE A 9 8.46 -1.68 4.16
N ASN A 10 8.34 -2.29 2.99
CA ASN A 10 8.47 -3.74 2.87
C ASN A 10 9.37 -4.08 1.70
N THR A 11 10.28 -5.00 1.94
CA THR A 11 11.21 -5.43 0.91
C THR A 11 10.59 -6.52 0.04
N CYS A 12 9.42 -6.97 0.48
CA CYS A 12 8.71 -8.02 -0.25
C CYS A 12 7.22 -7.87 0.05
N GLY A 13 6.58 -6.97 -0.67
CA GLY A 13 5.16 -6.72 -0.48
C GLY A 13 4.37 -7.20 -1.71
N SER A 14 3.06 -6.99 -1.64
CA SER A 14 2.17 -7.40 -2.72
C SER A 14 2.31 -6.43 -3.90
N ALA A 15 2.95 -6.91 -4.95
CA ALA A 15 3.14 -6.09 -6.14
C ALA A 15 1.80 -5.50 -6.57
N CYS A 16 0.74 -6.16 -6.15
CA CYS A 16 -0.60 -5.70 -6.49
C CYS A 16 -1.42 -5.62 -5.19
N ALA A 17 -0.82 -5.02 -4.18
CA ALA A 17 -1.47 -4.87 -2.90
C ALA A 17 -2.70 -3.98 -3.07
N PRO A 18 -3.55 -3.96 -1.99
CA PRO A 18 -4.76 -3.15 -2.00
C PRO A 18 -4.44 -1.67 -1.82
N THR A 19 -5.34 -0.84 -2.32
CA THR A 19 -5.17 0.60 -2.23
C THR A 19 -6.52 1.30 -2.24
N CYS A 20 -6.47 2.63 -2.16
CA CYS A 20 -7.68 3.42 -2.17
C CYS A 20 -8.38 3.22 -3.52
N ALA A 21 -7.59 2.83 -4.51
CA ALA A 21 -8.12 2.60 -5.84
C ALA A 21 -8.78 1.22 -5.89
N GLN A 22 -7.99 0.21 -5.59
CA GLN A 22 -8.49 -1.16 -5.60
C GLN A 22 -7.96 -1.92 -4.39
N PRO A 23 -8.76 -1.86 -3.28
CA PRO A 23 -8.39 -2.54 -2.05
C PRO A 23 -8.60 -4.05 -2.17
N LYS A 24 -7.89 -4.64 -3.13
CA LYS A 24 -8.00 -6.08 -3.35
C LYS A 24 -6.61 -6.65 -3.65
N THR A 25 -6.22 -7.61 -2.84
CA THR A 25 -4.91 -8.24 -3.00
C THR A 25 -5.06 -9.55 -3.78
N ARG A 26 -4.08 -9.79 -4.64
CA ARG A 26 -4.09 -11.00 -5.45
C ARG A 26 -2.79 -11.10 -6.26
N ILE A 27 -1.69 -10.75 -5.63
CA ILE A 27 -0.40 -10.78 -6.29
C ILE A 27 -0.47 -9.96 -7.57
N CYS A 28 0.70 -9.73 -8.16
CA CYS A 28 0.80 -8.96 -9.38
C CYS A 28 1.70 -9.72 -10.36
N THR A 29 2.84 -10.17 -9.84
CA THR A 29 3.79 -10.90 -10.65
C THR A 29 4.39 -12.05 -9.85
N MET A 30 5.45 -12.63 -10.41
CA MET A 30 6.13 -13.73 -9.75
C MET A 30 7.27 -13.22 -8.87
N GLN A 31 6.92 -12.34 -7.95
CA GLN A 31 7.91 -11.77 -7.04
C GLN A 31 7.24 -10.72 -6.15
N CYS A 32 7.98 -10.33 -5.11
CA CYS A 32 7.49 -9.33 -4.17
C CYS A 32 7.83 -7.94 -4.73
N ARG A 33 7.34 -6.93 -4.03
CA ARG A 33 7.59 -5.56 -4.44
C ARG A 33 8.22 -4.77 -3.28
N ILE A 34 9.37 -4.16 -3.58
CA ILE A 34 10.08 -3.39 -2.59
C ILE A 34 9.65 -1.92 -2.69
N GLY A 35 9.12 -1.42 -1.58
CA GLY A 35 8.66 -0.05 -1.52
C GLY A 35 7.84 0.21 -0.26
N CYS A 36 7.44 1.46 -0.09
CA CYS A 36 6.65 1.85 1.06
C CYS A 36 5.19 1.53 0.77
N GLN A 37 4.49 1.08 1.81
CA GLN A 37 3.08 0.75 1.67
C GLN A 37 2.26 1.47 2.74
N CYS A 38 1.00 1.09 2.82
CA CYS A 38 0.09 1.70 3.78
C CYS A 38 -0.09 0.73 4.95
N GLN A 39 0.05 1.27 6.16
CA GLN A 39 -0.09 0.46 7.35
C GLN A 39 -1.52 -0.08 7.47
N GLU A 40 -1.71 -0.97 8.43
CA GLU A 40 -3.01 -1.56 8.65
C GLU A 40 -4.02 -0.49 9.09
N GLY A 41 -4.96 -0.21 8.20
CA GLY A 41 -5.98 0.79 8.47
C GLY A 41 -5.87 1.96 7.51
N PHE A 42 -4.86 1.90 6.66
CA PHE A 42 -4.63 2.94 5.68
C PHE A 42 -4.57 2.38 4.27
N LEU A 43 -4.84 3.25 3.29
CA LEU A 43 -4.82 2.84 1.90
C LEU A 43 -3.98 3.84 1.10
N ARG A 44 -3.43 3.35 -0.01
CA ARG A 44 -2.61 4.18 -0.86
C ARG A 44 -3.49 4.96 -1.85
N ASN A 45 -3.48 6.28 -1.69
CA ASN A 45 -4.26 7.13 -2.56
C ASN A 45 -3.41 7.58 -3.75
N GLY A 46 -4.01 7.52 -4.93
CA GLY A 46 -3.31 7.91 -6.14
C GLY A 46 -2.77 9.35 -6.02
N GLU A 47 -3.15 9.99 -4.93
CA GLU A 47 -2.71 11.36 -4.68
C GLU A 47 -1.23 11.37 -4.26
N GLY A 48 -0.67 10.17 -4.18
CA GLY A 48 0.72 10.04 -3.79
C GLY A 48 0.87 10.06 -2.26
N ALA A 49 -0.11 9.47 -1.60
CA ALA A 49 -0.11 9.42 -0.15
C ALA A 49 -0.92 8.20 0.32
N CYS A 50 -1.05 8.08 1.63
CA CYS A 50 -1.79 6.98 2.22
C CYS A 50 -2.94 7.56 3.05
N VAL A 51 -4.15 7.24 2.62
CA VAL A 51 -5.33 7.73 3.31
C VAL A 51 -6.22 6.53 3.69
N LEU A 52 -6.84 6.64 4.86
CA LEU A 52 -7.70 5.59 5.36
C LEU A 52 -8.71 5.22 4.26
N PRO A 53 -9.24 3.97 4.37
CA PRO A 53 -10.21 3.48 3.41
C PRO A 53 -11.58 4.12 3.63
N GLU A 54 -11.84 4.46 4.88
CA GLU A 54 -13.10 5.08 5.25
C GLU A 54 -13.13 6.53 4.82
N ASN A 55 -11.98 7.01 4.35
CA ASN A 55 -11.85 8.38 3.90
C ASN A 55 -11.69 8.40 2.38
N CYS A 56 -11.68 7.22 1.77
CA CYS A 56 -11.53 7.10 0.33
C CYS A 56 -12.67 7.84 -0.36
N GLU A 1 14.86 8.13 8.25
CA GLU A 1 13.45 8.36 8.02
C GLU A 1 12.68 7.05 8.17
N GLU A 2 11.44 7.07 7.71
CA GLU A 2 10.59 5.90 7.79
C GLU A 2 9.29 6.13 7.02
N CYS A 3 9.40 6.12 5.71
CA CYS A 3 8.24 6.32 4.85
C CYS A 3 7.38 7.42 5.47
N GLY A 4 6.11 7.43 5.06
CA GLY A 4 5.18 8.42 5.58
C GLY A 4 4.44 7.89 6.81
N PRO A 5 3.45 8.70 7.27
CA PRO A 5 2.67 8.32 8.43
C PRO A 5 1.65 7.24 8.08
N ASN A 6 1.70 6.15 8.84
CA ASN A 6 0.80 5.04 8.61
C ASN A 6 1.36 4.15 7.50
N GLU A 7 2.53 4.53 7.01
CA GLU A 7 3.17 3.78 5.94
C GLU A 7 4.28 2.89 6.51
N VAL A 8 4.66 1.90 5.73
CA VAL A 8 5.70 0.98 6.13
C VAL A 8 6.50 0.54 4.90
N PHE A 9 7.74 0.16 5.16
CA PHE A 9 8.62 -0.29 4.09
C PHE A 9 8.87 -1.79 4.17
N ASN A 10 8.66 -2.46 3.04
CA ASN A 10 8.85 -3.89 2.97
C ASN A 10 9.71 -4.23 1.75
N THR A 11 10.67 -5.11 1.96
CA THR A 11 11.56 -5.52 0.88
C THR A 11 10.90 -6.61 0.04
N CYS A 12 9.72 -7.02 0.48
CA CYS A 12 8.97 -8.05 -0.23
C CYS A 12 7.49 -7.92 0.15
N GLY A 13 6.83 -6.98 -0.51
CA GLY A 13 5.42 -6.74 -0.26
C GLY A 13 4.60 -6.96 -1.53
N SER A 14 3.29 -6.91 -1.35
CA SER A 14 2.37 -7.09 -2.48
C SER A 14 2.65 -6.04 -3.55
N ALA A 15 3.23 -6.52 -4.65
CA ALA A 15 3.55 -5.64 -5.76
C ALA A 15 2.30 -4.85 -6.16
N CYS A 16 1.16 -5.50 -6.00
CA CYS A 16 -0.11 -4.88 -6.34
C CYS A 16 -0.95 -4.78 -5.06
N ALA A 17 -0.31 -4.33 -4.01
CA ALA A 17 -0.98 -4.18 -2.73
C ALA A 17 -2.34 -3.49 -2.95
N PRO A 18 -3.15 -3.48 -1.87
CA PRO A 18 -4.47 -2.87 -1.93
C PRO A 18 -4.37 -1.34 -1.89
N THR A 19 -5.38 -0.71 -2.45
CA THR A 19 -5.42 0.75 -2.50
C THR A 19 -6.85 1.25 -2.33
N CYS A 20 -6.99 2.57 -2.31
CA CYS A 20 -8.29 3.19 -2.16
C CYS A 20 -9.19 2.70 -3.30
N ALA A 21 -8.55 2.28 -4.38
CA ALA A 21 -9.27 1.78 -5.54
C ALA A 21 -9.52 0.28 -5.37
N GLN A 22 -8.46 -0.42 -4.99
CA GLN A 22 -8.57 -1.86 -4.79
C GLN A 22 -8.26 -2.22 -3.33
N PRO A 23 -9.34 -2.17 -2.49
CA PRO A 23 -9.20 -2.49 -1.08
C PRO A 23 -9.06 -3.99 -0.87
N LYS A 24 -9.05 -4.71 -1.98
CA LYS A 24 -8.93 -6.16 -1.92
C LYS A 24 -7.65 -6.58 -2.65
N THR A 25 -6.70 -7.09 -1.86
CA THR A 25 -5.44 -7.53 -2.40
C THR A 25 -5.64 -8.23 -3.75
N ARG A 26 -4.59 -8.22 -4.56
CA ARG A 26 -4.65 -8.84 -5.87
C ARG A 26 -3.26 -8.94 -6.47
N ILE A 27 -2.60 -10.07 -6.22
CA ILE A 27 -1.26 -10.29 -6.73
C ILE A 27 -1.20 -9.82 -8.20
N CYS A 28 0.03 -9.56 -8.65
CA CYS A 28 0.24 -9.11 -10.01
C CYS A 28 1.23 -10.07 -10.68
N THR A 29 2.29 -10.39 -9.94
CA THR A 29 3.30 -11.28 -10.45
C THR A 29 3.70 -12.30 -9.38
N MET A 30 4.72 -13.09 -9.70
CA MET A 30 5.21 -14.10 -8.77
C MET A 30 6.44 -13.61 -8.03
N GLN A 31 6.44 -12.32 -7.72
CA GLN A 31 7.55 -11.71 -7.01
C GLN A 31 7.05 -10.62 -6.07
N CYS A 32 7.86 -10.33 -5.06
CA CYS A 32 7.50 -9.32 -4.08
C CYS A 32 7.87 -7.96 -4.66
N ARG A 33 7.58 -6.92 -3.88
CA ARG A 33 7.86 -5.56 -4.31
C ARG A 33 8.55 -4.79 -3.17
N ILE A 34 9.72 -4.25 -3.50
CA ILE A 34 10.48 -3.49 -2.52
C ILE A 34 10.06 -2.03 -2.58
N GLY A 35 9.52 -1.54 -1.48
CA GLY A 35 9.07 -0.17 -1.39
C GLY A 35 8.16 0.04 -0.18
N CYS A 36 7.71 1.28 -0.03
CA CYS A 36 6.82 1.62 1.07
C CYS A 36 5.39 1.33 0.64
N GLN A 37 4.59 0.89 1.60
CA GLN A 37 3.20 0.58 1.33
C GLN A 37 2.30 1.15 2.44
N CYS A 38 1.02 0.85 2.33
CA CYS A 38 0.04 1.33 3.30
C CYS A 38 -0.12 0.26 4.39
N GLN A 39 0.03 0.69 5.63
CA GLN A 39 -0.11 -0.20 6.76
C GLN A 39 -1.52 -0.82 6.79
N GLU A 40 -1.67 -1.83 7.63
CA GLU A 40 -2.95 -2.51 7.76
C GLU A 40 -4.00 -1.54 8.34
N GLY A 41 -4.86 -1.06 7.46
CA GLY A 41 -5.90 -0.14 7.87
C GLY A 41 -5.87 1.13 7.02
N PHE A 42 -4.93 1.17 6.09
CA PHE A 42 -4.79 2.32 5.21
C PHE A 42 -4.76 1.88 3.74
N LEU A 43 -5.16 2.80 2.88
CA LEU A 43 -5.19 2.53 1.45
C LEU A 43 -4.50 3.66 0.70
N ARG A 44 -3.67 3.29 -0.27
CA ARG A 44 -2.94 4.26 -1.05
C ARG A 44 -3.85 4.88 -2.10
N ASN A 45 -3.86 6.21 -2.12
CA ASN A 45 -4.69 6.95 -3.06
C ASN A 45 -3.88 7.26 -4.31
N GLY A 46 -4.57 7.38 -5.43
CA GLY A 46 -3.93 7.68 -6.70
C GLY A 46 -2.71 8.58 -6.49
N GLU A 47 -2.82 9.45 -5.49
CA GLU A 47 -1.73 10.36 -5.18
C GLU A 47 -0.71 9.68 -4.26
N GLY A 48 -0.51 8.39 -4.50
CA GLY A 48 0.44 7.63 -3.72
C GLY A 48 0.42 8.05 -2.26
N ALA A 49 -0.78 8.35 -1.78
CA ALA A 49 -0.96 8.76 -0.40
C ALA A 49 -1.72 7.68 0.37
N CYS A 50 -1.04 7.13 1.38
CA CYS A 50 -1.64 6.09 2.19
C CYS A 50 -2.65 6.73 3.13
N VAL A 51 -3.90 6.72 2.71
CA VAL A 51 -4.98 7.29 3.52
C VAL A 51 -5.97 6.19 3.88
N LEU A 52 -6.53 6.33 5.08
CA LEU A 52 -7.50 5.36 5.56
C LEU A 52 -8.61 5.19 4.53
N PRO A 53 -9.29 4.01 4.61
CA PRO A 53 -10.37 3.72 3.68
C PRO A 53 -11.63 4.51 4.04
N GLU A 54 -11.76 4.81 5.33
CA GLU A 54 -12.91 5.55 5.81
C GLU A 54 -12.76 7.04 5.44
N ASN A 55 -11.60 7.37 4.92
CA ASN A 55 -11.33 8.74 4.52
C ASN A 55 -11.25 8.83 3.00
N CYS A 56 -11.43 7.69 2.33
CA CYS A 56 -11.38 7.64 0.89
C CYS A 56 -12.39 8.62 0.31
N GLU A 1 8.69 2.69 9.52
CA GLU A 1 9.93 2.97 8.82
C GLU A 1 10.05 4.46 8.56
N GLU A 2 10.90 4.80 7.60
CA GLU A 2 11.12 6.19 7.24
C GLU A 2 10.15 6.59 6.12
N CYS A 3 8.96 6.02 6.17
CA CYS A 3 7.95 6.32 5.17
C CYS A 3 6.91 7.25 5.80
N GLY A 4 5.98 7.69 4.97
CA GLY A 4 4.92 8.58 5.43
C GLY A 4 4.27 8.05 6.70
N PRO A 5 3.27 8.83 7.22
CA PRO A 5 2.57 8.44 8.42
C PRO A 5 1.58 7.31 8.14
N ASN A 6 1.72 6.24 8.91
CA ASN A 6 0.85 5.09 8.75
C ASN A 6 1.37 4.21 7.61
N GLU A 7 2.51 4.60 7.08
CA GLU A 7 3.13 3.86 5.98
C GLU A 7 4.16 2.87 6.53
N VAL A 8 4.48 1.88 5.71
CA VAL A 8 5.44 0.86 6.09
C VAL A 8 6.22 0.41 4.85
N PHE A 9 7.52 0.29 5.03
CA PHE A 9 8.39 -0.14 3.94
C PHE A 9 8.62 -1.65 3.98
N ASN A 10 8.44 -2.27 2.83
CA ASN A 10 8.62 -3.71 2.71
C ASN A 10 9.53 -4.01 1.51
N THR A 11 10.52 -4.85 1.77
CA THR A 11 11.46 -5.23 0.72
C THR A 11 10.91 -6.42 -0.08
N CYS A 12 9.64 -6.71 0.13
CA CYS A 12 8.99 -7.80 -0.56
C CYS A 12 7.53 -7.84 -0.13
N GLY A 13 6.75 -6.91 -0.68
CA GLY A 13 5.34 -6.83 -0.36
C GLY A 13 4.48 -7.12 -1.60
N SER A 14 3.18 -7.21 -1.37
CA SER A 14 2.24 -7.48 -2.45
C SER A 14 2.64 -6.67 -3.70
N ALA A 15 3.18 -7.39 -4.68
CA ALA A 15 3.61 -6.76 -5.91
C ALA A 15 2.57 -5.71 -6.32
N CYS A 16 1.32 -6.00 -6.01
CA CYS A 16 0.23 -5.10 -6.35
C CYS A 16 -0.65 -4.93 -5.11
N ALA A 17 -0.02 -4.50 -4.03
CA ALA A 17 -0.74 -4.29 -2.78
C ALA A 17 -2.05 -3.55 -3.06
N PRO A 18 -2.93 -3.52 -2.02
CA PRO A 18 -4.21 -2.85 -2.15
C PRO A 18 -4.03 -1.32 -2.08
N THR A 19 -5.03 -0.62 -2.59
CA THR A 19 -5.00 0.84 -2.60
C THR A 19 -6.42 1.39 -2.56
N CYS A 20 -6.52 2.70 -2.82
CA CYS A 20 -7.80 3.37 -2.81
C CYS A 20 -8.57 2.93 -4.06
N ALA A 21 -7.83 2.45 -5.04
CA ALA A 21 -8.42 2.00 -6.29
C ALA A 21 -8.81 0.53 -6.15
N GLN A 22 -7.97 -0.22 -5.45
CA GLN A 22 -8.22 -1.64 -5.24
C GLN A 22 -8.08 -1.99 -3.76
N PRO A 23 -9.21 -1.82 -3.03
CA PRO A 23 -9.22 -2.11 -1.60
C PRO A 23 -9.26 -3.62 -1.35
N LYS A 24 -8.21 -4.29 -1.83
CA LYS A 24 -8.11 -5.73 -1.67
C LYS A 24 -6.83 -6.22 -2.34
N THR A 25 -6.20 -7.21 -1.71
CA THR A 25 -4.98 -7.77 -2.24
C THR A 25 -5.23 -8.43 -3.59
N ARG A 26 -4.20 -8.45 -4.42
CA ARG A 26 -4.29 -9.04 -5.74
C ARG A 26 -2.92 -9.03 -6.42
N ILE A 27 -2.14 -10.07 -6.12
CA ILE A 27 -0.82 -10.21 -6.70
C ILE A 27 -0.87 -9.81 -8.17
N CYS A 28 0.31 -9.47 -8.70
CA CYS A 28 0.41 -9.07 -10.09
C CYS A 28 1.22 -10.15 -10.84
N THR A 29 2.18 -10.72 -10.12
CA THR A 29 3.02 -11.75 -10.70
C THR A 29 3.94 -12.35 -9.64
N MET A 30 4.49 -13.51 -9.96
CA MET A 30 5.37 -14.20 -9.04
C MET A 30 6.58 -13.31 -8.69
N GLN A 31 6.42 -12.57 -7.59
CA GLN A 31 7.49 -11.70 -7.14
C GLN A 31 6.94 -10.70 -6.10
N CYS A 32 7.86 -10.06 -5.40
CA CYS A 32 7.49 -9.09 -4.38
C CYS A 32 7.73 -7.69 -4.94
N ARG A 33 7.36 -6.70 -4.16
CA ARG A 33 7.53 -5.31 -4.57
C ARG A 33 8.16 -4.51 -3.43
N ILE A 34 9.36 -4.00 -3.70
CA ILE A 34 10.08 -3.20 -2.72
C ILE A 34 9.60 -1.75 -2.78
N GLY A 35 9.11 -1.28 -1.64
CA GLY A 35 8.62 0.08 -1.55
C GLY A 35 7.75 0.27 -0.30
N CYS A 36 7.35 1.51 -0.07
CA CYS A 36 6.52 1.83 1.07
C CYS A 36 5.06 1.59 0.68
N GLN A 37 4.31 1.04 1.63
CA GLN A 37 2.90 0.75 1.40
C GLN A 37 2.05 1.35 2.52
N CYS A 38 0.77 1.03 2.48
CA CYS A 38 -0.17 1.53 3.48
C CYS A 38 -0.37 0.43 4.53
N GLN A 39 -0.26 0.84 5.79
CA GLN A 39 -0.43 -0.09 6.89
C GLN A 39 -1.89 -0.53 7.00
N GLU A 40 -2.12 -1.50 7.86
CA GLU A 40 -3.47 -2.01 8.07
C GLU A 40 -4.38 -0.92 8.63
N GLY A 41 -5.20 -0.36 7.75
CA GLY A 41 -6.13 0.69 8.14
C GLY A 41 -5.92 1.93 7.28
N PHE A 42 -5.05 1.80 6.30
CA PHE A 42 -4.75 2.91 5.39
C PHE A 42 -4.65 2.43 3.95
N LEU A 43 -5.00 3.32 3.04
CA LEU A 43 -4.96 3.00 1.62
C LEU A 43 -4.16 4.07 0.88
N ARG A 44 -3.51 3.65 -0.20
CA ARG A 44 -2.72 4.56 -1.00
C ARG A 44 -3.60 5.29 -2.02
N ASN A 45 -3.41 6.60 -2.09
CA ASN A 45 -4.17 7.41 -3.02
C ASN A 45 -3.26 7.91 -4.15
N GLY A 46 -3.85 8.03 -5.33
CA GLY A 46 -3.10 8.49 -6.49
C GLY A 46 -2.06 9.54 -6.10
N GLU A 47 -2.38 10.27 -5.04
CA GLU A 47 -1.50 11.31 -4.56
C GLU A 47 -0.36 10.69 -3.74
N GLY A 48 0.03 9.49 -4.13
CA GLY A 48 1.10 8.79 -3.44
C GLY A 48 1.02 9.01 -1.93
N ALA A 49 -0.20 9.11 -1.45
CA ALA A 49 -0.44 9.33 -0.02
C ALA A 49 -1.17 8.13 0.56
N CYS A 50 -1.06 7.97 1.87
CA CYS A 50 -1.72 6.88 2.56
C CYS A 50 -2.87 7.44 3.37
N VAL A 51 -4.07 7.35 2.79
CA VAL A 51 -5.26 7.85 3.45
C VAL A 51 -6.15 6.67 3.82
N LEU A 52 -6.79 6.79 4.98
CA LEU A 52 -7.67 5.74 5.47
C LEU A 52 -8.63 5.34 4.35
N PRO A 53 -9.15 4.09 4.47
CA PRO A 53 -10.08 3.56 3.49
C PRO A 53 -11.46 4.19 3.64
N GLU A 54 -11.78 4.54 4.88
CA GLU A 54 -13.06 5.15 5.17
C GLU A 54 -13.08 6.61 4.72
N ASN A 55 -11.91 7.08 4.28
CA ASN A 55 -11.78 8.45 3.82
C ASN A 55 -11.56 8.44 2.30
N CYS A 56 -11.53 7.25 1.70
CA CYS A 56 -11.33 7.11 0.27
C CYS A 56 -12.37 7.94 -0.47
N GLU A 1 15.21 6.94 7.10
CA GLU A 1 13.90 7.45 7.48
C GLU A 1 12.96 6.28 7.74
N GLU A 2 11.67 6.60 7.79
CA GLU A 2 10.66 5.59 8.04
C GLU A 2 9.37 5.93 7.29
N CYS A 3 9.49 5.99 5.97
CA CYS A 3 8.35 6.30 5.13
C CYS A 3 7.54 7.41 5.81
N GLY A 4 6.29 7.50 5.42
CA GLY A 4 5.40 8.51 5.97
C GLY A 4 4.63 7.96 7.17
N PRO A 5 3.67 8.78 7.67
CA PRO A 5 2.86 8.39 8.81
C PRO A 5 1.82 7.34 8.40
N ASN A 6 1.82 6.23 9.13
CA ASN A 6 0.89 5.15 8.86
C ASN A 6 1.42 4.30 7.70
N GLU A 7 2.61 4.66 7.25
CA GLU A 7 3.24 3.93 6.15
C GLU A 7 4.39 3.07 6.67
N VAL A 8 4.73 2.05 5.89
CA VAL A 8 5.81 1.16 6.26
C VAL A 8 6.60 0.77 5.00
N PHE A 9 7.78 0.24 5.23
CA PHE A 9 8.65 -0.18 4.14
C PHE A 9 8.84 -1.69 4.14
N ASN A 10 8.63 -2.29 2.98
CA ASN A 10 8.78 -3.73 2.84
C ASN A 10 9.69 -4.03 1.65
N THR A 11 10.58 -4.99 1.84
CA THR A 11 11.51 -5.37 0.80
C THR A 11 10.88 -6.42 -0.12
N CYS A 12 9.75 -6.97 0.34
CA CYS A 12 9.04 -7.97 -0.42
C CYS A 12 7.55 -7.88 -0.09
N GLY A 13 6.91 -6.90 -0.72
CA GLY A 13 5.49 -6.69 -0.50
C GLY A 13 4.67 -7.12 -1.73
N SER A 14 3.36 -7.09 -1.56
CA SER A 14 2.46 -7.46 -2.64
C SER A 14 2.69 -6.56 -3.85
N ALA A 15 3.39 -7.11 -4.83
CA ALA A 15 3.69 -6.38 -6.05
C ALA A 15 2.43 -5.63 -6.51
N CYS A 16 1.29 -6.22 -6.20
CA CYS A 16 0.01 -5.62 -6.56
C CYS A 16 -0.86 -5.53 -5.31
N ALA A 17 -0.32 -4.87 -4.31
CA ALA A 17 -1.04 -4.71 -3.05
C ALA A 17 -2.32 -3.90 -3.30
N PRO A 18 -3.20 -3.89 -2.26
CA PRO A 18 -4.46 -3.17 -2.36
C PRO A 18 -4.24 -1.66 -2.23
N THR A 19 -5.23 -0.90 -2.69
CA THR A 19 -5.15 0.55 -2.62
C THR A 19 -6.56 1.15 -2.57
N CYS A 20 -6.60 2.47 -2.53
CA CYS A 20 -7.87 3.19 -2.48
C CYS A 20 -8.71 2.75 -3.69
N ALA A 21 -8.01 2.30 -4.71
CA ALA A 21 -8.68 1.86 -5.92
C ALA A 21 -9.05 0.37 -5.79
N GLN A 22 -8.08 -0.41 -5.34
CA GLN A 22 -8.29 -1.83 -5.16
C GLN A 22 -8.13 -2.21 -3.68
N PRO A 23 -9.28 -2.11 -2.95
CA PRO A 23 -9.27 -2.45 -1.54
C PRO A 23 -9.21 -3.96 -1.32
N LYS A 24 -9.12 -4.68 -2.43
CA LYS A 24 -9.05 -6.13 -2.38
C LYS A 24 -7.75 -6.59 -3.04
N THR A 25 -6.88 -7.16 -2.22
CA THR A 25 -5.60 -7.65 -2.71
C THR A 25 -5.81 -8.52 -3.96
N ARG A 26 -4.77 -8.57 -4.77
CA ARG A 26 -4.81 -9.35 -5.99
C ARG A 26 -3.40 -9.62 -6.52
N ILE A 27 -2.85 -10.75 -6.10
CA ILE A 27 -1.51 -11.13 -6.52
C ILE A 27 -1.33 -10.79 -8.01
N CYS A 28 -0.07 -10.70 -8.40
CA CYS A 28 0.25 -10.38 -9.79
C CYS A 28 1.15 -11.50 -10.33
N THR A 29 2.12 -11.88 -9.52
CA THR A 29 3.05 -12.92 -9.90
C THR A 29 3.93 -13.32 -8.72
N MET A 30 4.66 -14.41 -8.91
CA MET A 30 5.54 -14.91 -7.86
C MET A 30 6.72 -13.96 -7.65
N GLN A 31 6.39 -12.76 -7.21
CA GLN A 31 7.41 -11.75 -6.95
C GLN A 31 6.93 -10.76 -5.89
N CYS A 32 7.88 -10.01 -5.36
CA CYS A 32 7.57 -9.02 -4.34
C CYS A 32 7.98 -7.64 -4.87
N ARG A 33 7.64 -6.62 -4.08
CA ARG A 33 7.97 -5.26 -4.44
C ARG A 33 8.65 -4.53 -3.27
N ILE A 34 9.75 -3.88 -3.58
CA ILE A 34 10.49 -3.16 -2.57
C ILE A 34 10.08 -1.68 -2.59
N GLY A 35 9.56 -1.22 -1.46
CA GLY A 35 9.12 0.15 -1.35
C GLY A 35 8.19 0.34 -0.14
N CYS A 36 7.78 1.58 0.07
CA CYS A 36 6.89 1.89 1.17
C CYS A 36 5.46 1.57 0.74
N GLN A 37 4.65 1.20 1.74
CA GLN A 37 3.27 0.86 1.48
C GLN A 37 2.37 1.39 2.60
N CYS A 38 1.09 1.10 2.49
CA CYS A 38 0.12 1.55 3.47
C CYS A 38 -0.02 0.45 4.53
N GLN A 39 0.01 0.87 5.78
CA GLN A 39 -0.12 -0.06 6.89
C GLN A 39 -1.54 -0.62 6.96
N GLU A 40 -1.72 -1.55 7.89
CA GLU A 40 -3.03 -2.17 8.06
C GLU A 40 -4.03 -1.15 8.60
N GLY A 41 -4.88 -0.67 7.70
CA GLY A 41 -5.89 0.32 8.07
C GLY A 41 -5.79 1.56 7.17
N PHE A 42 -4.80 1.55 6.30
CA PHE A 42 -4.59 2.66 5.39
C PHE A 42 -4.51 2.17 3.94
N LEU A 43 -4.90 3.05 3.03
CA LEU A 43 -4.87 2.72 1.62
C LEU A 43 -4.13 3.83 0.86
N ARG A 44 -3.50 3.43 -0.24
CA ARG A 44 -2.75 4.37 -1.06
C ARG A 44 -3.68 5.07 -2.04
N ASN A 45 -3.52 6.39 -2.14
CA ASN A 45 -4.33 7.18 -3.03
C ASN A 45 -3.46 7.72 -4.17
N GLY A 46 -4.08 7.82 -5.34
CA GLY A 46 -3.38 8.31 -6.52
C GLY A 46 -2.38 9.40 -6.14
N GLU A 47 -2.71 10.12 -5.07
CA GLU A 47 -1.84 11.19 -4.61
C GLU A 47 -0.67 10.61 -3.81
N GLY A 48 -0.23 9.44 -4.23
CA GLY A 48 0.89 8.77 -3.57
C GLY A 48 0.82 8.98 -2.06
N ALA A 49 -0.39 9.03 -1.54
CA ALA A 49 -0.60 9.23 -0.12
C ALA A 49 -1.27 7.99 0.47
N CYS A 50 -1.20 7.89 1.79
CA CYS A 50 -1.79 6.76 2.49
C CYS A 50 -2.98 7.27 3.30
N VAL A 51 -4.17 7.11 2.73
CA VAL A 51 -5.38 7.54 3.39
C VAL A 51 -6.24 6.32 3.72
N LEU A 52 -6.88 6.39 4.89
CA LEU A 52 -7.72 5.29 5.34
C LEU A 52 -8.70 4.91 4.22
N PRO A 53 -9.20 3.65 4.29
CA PRO A 53 -10.14 3.15 3.29
C PRO A 53 -11.53 3.75 3.51
N GLU A 54 -11.82 4.04 4.77
CA GLU A 54 -13.11 4.62 5.12
C GLU A 54 -13.16 6.09 4.71
N ASN A 55 -12.02 6.59 4.27
CA ASN A 55 -11.92 7.99 3.85
C ASN A 55 -11.73 8.05 2.34
N CYS A 56 -11.70 6.88 1.70
CA CYS A 56 -11.52 6.79 0.26
C CYS A 56 -12.61 7.58 -0.43
N GLU A 1 10.89 2.79 6.66
CA GLU A 1 12.18 3.29 6.24
C GLU A 1 12.02 4.49 5.32
N GLU A 2 11.97 5.67 5.92
CA GLU A 2 11.81 6.89 5.17
C GLU A 2 10.49 6.86 4.38
N CYS A 3 9.41 6.66 5.12
CA CYS A 3 8.09 6.61 4.51
C CYS A 3 7.22 7.69 5.16
N GLY A 4 6.05 7.89 4.58
CA GLY A 4 5.12 8.88 5.09
C GLY A 4 4.31 8.32 6.25
N PRO A 5 3.27 9.11 6.66
CA PRO A 5 2.41 8.71 7.75
C PRO A 5 1.45 7.59 7.32
N ASN A 6 1.43 6.54 8.12
CA ASN A 6 0.56 5.41 7.82
C ASN A 6 1.24 4.49 6.79
N GLU A 7 2.45 4.89 6.41
CA GLU A 7 3.21 4.12 5.43
C GLU A 7 4.29 3.31 6.14
N VAL A 8 4.69 2.22 5.48
CA VAL A 8 5.71 1.34 6.04
C VAL A 8 6.50 0.71 4.89
N PHE A 9 7.80 0.59 5.10
CA PHE A 9 8.67 0.01 4.10
C PHE A 9 8.79 -1.50 4.29
N ASN A 10 8.53 -2.22 3.21
CA ASN A 10 8.61 -3.67 3.24
C ASN A 10 9.49 -4.16 2.09
N THR A 11 10.45 -5.01 2.44
CA THR A 11 11.36 -5.56 1.45
C THR A 11 10.68 -6.66 0.65
N CYS A 12 9.46 -6.98 1.07
CA CYS A 12 8.69 -8.02 0.39
C CYS A 12 7.20 -7.71 0.58
N GLY A 13 6.75 -6.70 -0.14
CA GLY A 13 5.36 -6.29 -0.06
C GLY A 13 4.58 -6.77 -1.28
N SER A 14 3.50 -6.07 -1.58
CA SER A 14 2.66 -6.40 -2.71
C SER A 14 2.81 -5.34 -3.81
N ALA A 15 3.43 -5.77 -4.90
CA ALA A 15 3.65 -4.87 -6.02
C ALA A 15 2.29 -4.31 -6.50
N CYS A 16 1.26 -5.14 -6.34
CA CYS A 16 -0.08 -4.74 -6.73
C CYS A 16 -0.95 -4.66 -5.48
N ALA A 17 -0.35 -4.16 -4.41
CA ALA A 17 -1.05 -4.03 -3.15
C ALA A 17 -2.36 -3.28 -3.38
N PRO A 18 -3.22 -3.27 -2.33
CA PRO A 18 -4.50 -2.59 -2.41
C PRO A 18 -4.33 -1.08 -2.33
N THR A 19 -5.40 -0.37 -2.63
CA THR A 19 -5.39 1.09 -2.59
C THR A 19 -6.80 1.63 -2.42
N CYS A 20 -6.89 2.94 -2.32
CA CYS A 20 -8.17 3.61 -2.17
C CYS A 20 -9.06 3.23 -3.36
N ALA A 21 -8.41 2.78 -4.41
CA ALA A 21 -9.12 2.38 -5.62
C ALA A 21 -9.40 0.87 -5.57
N GLN A 22 -8.37 0.13 -5.17
CA GLN A 22 -8.50 -1.31 -5.08
C GLN A 22 -8.34 -1.77 -3.63
N PRO A 23 -9.50 -1.79 -2.91
CA PRO A 23 -9.50 -2.20 -1.52
C PRO A 23 -9.34 -3.71 -1.38
N LYS A 24 -9.20 -4.37 -2.53
CA LYS A 24 -9.03 -5.81 -2.55
C LYS A 24 -7.70 -6.15 -3.23
N THR A 25 -6.81 -6.73 -2.44
CA THR A 25 -5.50 -7.11 -2.95
C THR A 25 -5.63 -7.74 -4.35
N ARG A 26 -4.50 -7.82 -5.03
CA ARG A 26 -4.47 -8.39 -6.36
C ARG A 26 -3.03 -8.63 -6.81
N ILE A 27 -2.48 -9.74 -6.35
CA ILE A 27 -1.11 -10.10 -6.69
C ILE A 27 -0.84 -9.71 -8.14
N CYS A 28 0.43 -9.48 -8.43
CA CYS A 28 0.84 -9.09 -9.78
C CYS A 28 1.67 -10.24 -10.36
N THR A 29 2.42 -10.90 -9.49
CA THR A 29 3.25 -12.02 -9.90
C THR A 29 3.73 -12.80 -8.69
N MET A 30 4.76 -13.61 -8.92
CA MET A 30 5.32 -14.43 -7.86
C MET A 30 6.55 -13.76 -7.23
N GLN A 31 6.43 -12.45 -7.04
CA GLN A 31 7.52 -11.68 -6.46
C GLN A 31 6.98 -10.60 -5.54
N CYS A 32 7.67 -10.40 -4.42
CA CYS A 32 7.27 -9.40 -3.46
C CYS A 32 7.54 -8.02 -4.04
N ARG A 33 7.23 -7.00 -3.25
CA ARG A 33 7.45 -5.63 -3.69
C ARG A 33 8.23 -4.86 -2.63
N ILE A 34 9.41 -4.39 -3.03
CA ILE A 34 10.26 -3.63 -2.13
C ILE A 34 9.94 -2.15 -2.25
N GLY A 35 9.49 -1.58 -1.14
CA GLY A 35 9.14 -0.17 -1.10
C GLY A 35 8.14 0.12 0.01
N CYS A 36 7.84 1.40 0.19
CA CYS A 36 6.90 1.81 1.21
C CYS A 36 5.49 1.51 0.72
N GLN A 37 4.65 1.06 1.64
CA GLN A 37 3.28 0.73 1.32
C GLN A 37 2.34 1.30 2.38
N CYS A 38 1.07 0.88 2.29
CA CYS A 38 0.07 1.33 3.22
C CYS A 38 -0.12 0.26 4.30
N GLN A 39 0.10 0.67 5.54
CA GLN A 39 -0.04 -0.25 6.67
C GLN A 39 -1.39 -0.97 6.60
N GLU A 40 -1.49 -2.03 7.38
CA GLU A 40 -2.72 -2.81 7.42
C GLU A 40 -3.86 -1.98 8.02
N GLY A 41 -4.71 -1.48 7.13
CA GLY A 41 -5.84 -0.66 7.55
C GLY A 41 -5.84 0.68 6.83
N PHE A 42 -4.86 0.85 5.95
CA PHE A 42 -4.75 2.09 5.19
C PHE A 42 -4.70 1.81 3.69
N LEU A 43 -5.12 2.81 2.93
CA LEU A 43 -5.13 2.69 1.48
C LEU A 43 -4.44 3.90 0.86
N ARG A 44 -3.67 3.63 -0.19
CA ARG A 44 -2.94 4.69 -0.87
C ARG A 44 -3.90 5.49 -1.76
N ASN A 45 -3.76 6.82 -1.67
CA ASN A 45 -4.60 7.71 -2.44
C ASN A 45 -3.77 8.33 -3.57
N GLY A 46 -4.44 8.57 -4.69
CA GLY A 46 -3.78 9.16 -5.84
C GLY A 46 -2.70 10.16 -5.41
N GLU A 47 -2.94 10.78 -4.26
CA GLU A 47 -2.01 11.76 -3.72
C GLU A 47 -0.86 11.04 -3.00
N GLY A 48 -0.50 9.88 -3.53
CA GLY A 48 0.58 9.10 -2.95
C GLY A 48 0.56 9.19 -1.42
N ALA A 49 -0.65 9.24 -0.87
CA ALA A 49 -0.82 9.33 0.56
C ALA A 49 -1.61 8.11 1.05
N CYS A 50 -1.08 7.47 2.09
CA CYS A 50 -1.74 6.31 2.66
C CYS A 50 -2.77 6.79 3.66
N VAL A 51 -4.03 6.78 3.23
CA VAL A 51 -5.13 7.21 4.08
C VAL A 51 -6.09 6.04 4.29
N LEU A 52 -6.66 5.99 5.48
CA LEU A 52 -7.61 4.94 5.82
C LEU A 52 -8.69 4.86 4.74
N PRO A 53 -9.32 3.67 4.65
CA PRO A 53 -10.37 3.45 3.66
C PRO A 53 -11.67 4.13 4.09
N GLU A 54 -11.85 4.25 5.40
CA GLU A 54 -13.03 4.88 5.94
C GLU A 54 -12.94 6.40 5.77
N ASN A 55 -11.78 6.85 5.33
CA ASN A 55 -11.56 8.27 5.12
C ASN A 55 -11.43 8.56 3.62
N CYS A 56 -11.56 7.50 2.80
CA CYS A 56 -11.47 7.64 1.36
C CYS A 56 -12.58 8.56 0.87
#